data_3N07
#
_entry.id   3N07
#
_cell.length_a   63.946
_cell.length_b   77.109
_cell.length_c   78.500
_cell.angle_alpha   90.000
_cell.angle_beta   106.650
_cell.angle_gamma   90.000
#
_symmetry.space_group_name_H-M   'P 1 21 1'
#
loop_
_entity.id
_entity.type
_entity.pdbx_description
1 polymer '3-deoxy-D-manno-octulosonate 8-phosphate phosphatase'
2 non-polymer 'MAGNESIUM ION'
3 water water
#
_entity_poly.entity_id   1
_entity_poly.type   'polypeptide(L)'
_entity_poly.pdbx_seq_one_letter_code
;(MSE)SLSSTVSTLYGEVEPSLLEIAKQIKLLICDVDGVFSDGLIY(MSE)GNQGEELKTFHTRDGYGVKAL(MSE)NAG
IEIAIITGRRSQIVENR(MSE)KALGISLIYQGQDDKVQAYYDICQKLAIAPEQTGYIGDDLIDWPV(MSE)EKVALRVC
VADGHPLLAQRANYVTHIKGGHGAVREVCDLILQARNELDVHKGLSLEGHHHHHH
;
_entity_poly.pdbx_strand_id   A,B,C,D
#
loop_
_chem_comp.id
_chem_comp.type
_chem_comp.name
_chem_comp.formula
MG non-polymer 'MAGNESIUM ION' 'Mg 2'
#
# COMPACT_ATOMS: atom_id res chain seq x y z
N SER A 4 -15.25 -7.19 38.13
CA SER A 4 -14.66 -6.16 37.21
C SER A 4 -15.25 -6.32 35.80
N SER A 5 -15.58 -5.21 35.18
CA SER A 5 -16.08 -5.23 33.81
C SER A 5 -15.21 -4.38 32.87
N THR A 6 -14.07 -3.86 33.34
CA THR A 6 -13.36 -2.87 32.52
C THR A 6 -12.53 -3.45 31.37
N VAL A 7 -12.31 -2.60 30.37
CA VAL A 7 -11.51 -2.90 29.19
C VAL A 7 -10.25 -2.03 29.23
N SER A 8 -9.09 -2.64 28.95
CA SER A 8 -7.84 -1.90 28.91
C SER A 8 -7.75 -0.99 27.69
N THR A 9 -7.16 0.19 27.90
CA THR A 9 -6.80 1.10 26.81
C THR A 9 -5.30 1.28 26.87
N LEU A 10 -4.76 2.17 26.04
CA LEU A 10 -3.33 2.47 26.11
C LEU A 10 -2.96 3.27 27.35
N TYR A 11 -3.98 3.79 28.04
CA TYR A 11 -3.75 4.73 29.14
C TYR A 11 -4.27 4.22 30.50
N GLY A 12 -5.08 3.17 30.49
CA GLY A 12 -5.73 2.71 31.71
C GLY A 12 -6.91 1.81 31.41
N GLU A 13 -7.90 1.84 32.30
CA GLU A 13 -9.10 0.99 32.18
C GLU A 13 -10.34 1.86 31.99
N VAL A 14 -11.26 1.41 31.16
CA VAL A 14 -12.55 2.06 31.01
C VAL A 14 -13.69 1.03 30.98
N GLU A 15 -14.90 1.51 31.24
CA GLU A 15 -16.09 0.67 31.13
C GLU A 15 -16.41 0.43 29.66
N PRO A 16 -16.90 -0.78 29.31
CA PRO A 16 -17.28 -1.04 27.93
C PRO A 16 -18.30 0.00 27.43
N SER A 17 -19.18 0.46 28.32
CA SER A 17 -20.13 1.53 27.98
C SER A 17 -19.45 2.76 27.31
N LEU A 18 -18.28 3.14 27.80
CA LEU A 18 -17.56 4.31 27.24
C LEU A 18 -17.03 4.01 25.84
N LEU A 19 -16.51 2.81 25.64
CA LEU A 19 -16.05 2.40 24.30
C LEU A 19 -17.18 2.34 23.32
N GLU A 20 -18.36 1.92 23.77
CA GLU A 20 -19.57 1.98 22.92
C GLU A 20 -19.90 3.39 22.45
N ILE A 21 -19.83 4.35 23.38
CA ILE A 21 -20.06 5.73 23.03
C ILE A 21 -18.98 6.18 22.02
N ALA A 22 -17.72 5.93 22.36
CA ALA A 22 -16.59 6.39 21.55
C ALA A 22 -16.61 5.83 20.12
N LYS A 23 -17.06 4.57 19.98
CA LYS A 23 -17.12 3.91 18.67
C LYS A 23 -17.96 4.68 17.64
N GLN A 24 -19.02 5.31 18.10
CA GLN A 24 -19.99 5.91 17.20
C GLN A 24 -19.95 7.45 17.16
N ILE A 25 -18.87 8.05 17.66
CA ILE A 25 -18.68 9.49 17.58
C ILE A 25 -18.51 9.90 16.13
N LYS A 26 -19.24 10.96 15.71
CA LYS A 26 -19.07 11.54 14.38
C LYS A 26 -18.62 13.00 14.43
N LEU A 27 -18.65 13.59 15.63
CA LEU A 27 -18.25 14.98 15.86
C LEU A 27 -17.50 15.11 17.18
N LEU A 28 -16.32 15.69 17.13
CA LEU A 28 -15.54 15.94 18.34
C LEU A 28 -15.28 17.44 18.44
N ILE A 29 -15.79 18.04 19.51
CA ILE A 29 -15.64 19.48 19.74
C ILE A 29 -14.62 19.69 20.83
N CYS A 30 -13.66 20.61 20.61
CA CYS A 30 -12.61 20.83 21.61
C CYS A 30 -12.55 22.29 22.01
N ASP A 31 -12.39 22.52 23.30
CA ASP A 31 -11.81 23.76 23.81
C ASP A 31 -10.33 23.86 23.39
N VAL A 32 -9.75 25.07 23.44
CA VAL A 32 -8.32 25.22 23.13
C VAL A 32 -7.44 25.33 24.36
N ASP A 33 -7.63 26.38 25.14
CA ASP A 33 -6.69 26.64 26.26
C ASP A 33 -6.90 25.66 27.38
N GLY A 34 -5.85 24.92 27.71
CA GLY A 34 -5.96 23.90 28.74
C GLY A 34 -6.26 22.51 28.17
N VAL A 35 -6.55 22.44 26.87
CA VAL A 35 -6.86 21.17 26.18
C VAL A 35 -5.82 20.92 25.05
N PHE A 36 -5.84 21.73 24.01
CA PHE A 36 -4.75 21.72 23.01
C PHE A 36 -3.47 22.37 23.57
N SER A 37 -3.62 23.33 24.48
CA SER A 37 -2.44 24.00 25.10
C SER A 37 -2.32 23.59 26.56
N ASP A 38 -1.21 23.96 27.19
CA ASP A 38 -1.05 23.71 28.64
C ASP A 38 -1.79 24.72 29.55
N GLY A 39 -2.71 25.51 28.97
CA GLY A 39 -3.43 26.53 29.72
C GLY A 39 -2.71 27.86 29.94
N LEU A 40 -1.46 27.94 29.51
CA LEU A 40 -0.72 29.19 29.67
C LEU A 40 -0.89 30.13 28.48
N ILE A 41 -0.84 31.42 28.77
CA ILE A 41 -0.81 32.46 27.78
C ILE A 41 0.54 33.14 27.99
N TYR A 42 1.40 33.12 26.97
CA TYR A 42 2.69 33.81 27.00
C TYR A 42 2.51 35.21 26.47
N MSE A 43 2.78 36.19 27.31
N MSE A 43 2.75 36.20 27.31
CA MSE A 43 2.59 37.59 26.93
CA MSE A 43 2.57 37.60 26.92
C MSE A 43 3.88 38.40 26.99
C MSE A 43 3.88 38.37 26.98
O MSE A 43 4.65 38.27 27.94
O MSE A 43 4.68 38.18 27.90
CB MSE A 43 1.52 38.24 27.82
CB MSE A 43 1.52 38.27 27.81
CG MSE A 43 0.18 37.52 27.73
CG MSE A 43 0.17 37.57 27.82
SE MSE A 43 -1.10 38.31 28.94
SE MSE A 43 -0.76 37.55 26.09
CE MSE A 43 -1.11 40.11 28.27
CE MSE A 43 -2.52 38.14 26.68
N GLY A 44 4.10 39.24 26.00
CA GLY A 44 5.35 40.03 25.89
C GLY A 44 5.15 41.53 26.01
N ASN A 45 6.25 42.26 26.19
CA ASN A 45 6.20 43.69 26.44
C ASN A 45 5.86 44.49 25.20
N GLN A 46 5.96 43.86 24.01
CA GLN A 46 5.49 44.51 22.77
C GLN A 46 4.09 44.01 22.37
N GLY A 47 3.39 43.39 23.31
CA GLY A 47 2.07 42.82 23.05
C GLY A 47 2.13 41.52 22.26
N GLU A 48 3.31 40.89 22.17
CA GLU A 48 3.43 39.54 21.59
C GLU A 48 2.61 38.56 22.41
N GLU A 49 2.10 37.54 21.75
CA GLU A 49 1.44 36.45 22.46
C GLU A 49 1.87 35.12 21.85
N LEU A 50 2.16 34.14 22.70
CA LEU A 50 2.42 32.76 22.22
C LEU A 50 1.45 31.81 22.90
N LYS A 51 1.22 30.65 22.27
CA LYS A 51 0.46 29.57 22.89
C LYS A 51 1.14 28.27 22.47
N THR A 52 1.14 27.24 23.33
CA THR A 52 1.79 25.97 22.92
C THR A 52 0.79 24.93 22.43
N PHE A 53 1.23 24.12 21.48
CA PHE A 53 0.50 22.95 20.98
C PHE A 53 1.45 21.75 21.03
N HIS A 54 0.87 20.56 21.19
CA HIS A 54 1.72 19.38 21.34
C HIS A 54 1.86 18.65 20.02
N THR A 55 3.10 18.26 19.72
CA THR A 55 3.44 17.68 18.43
C THR A 55 2.69 16.39 18.11
N ARG A 56 2.27 15.61 19.12
CA ARG A 56 1.63 14.33 18.80
C ARG A 56 0.10 14.46 18.68
N ASP A 57 -0.46 15.64 18.94
CA ASP A 57 -1.94 15.79 18.86
C ASP A 57 -2.43 15.81 17.41
N GLY A 58 -1.63 16.42 16.52
CA GLY A 58 -2.01 16.47 15.10
C GLY A 58 -2.25 15.14 14.43
N TYR A 59 -1.39 14.14 14.70
CA TYR A 59 -1.59 12.82 14.14
C TYR A 59 -2.96 12.25 14.57
N GLY A 60 -3.34 12.52 15.82
CA GLY A 60 -4.58 11.97 16.33
C GLY A 60 -5.79 12.63 15.70
N VAL A 61 -5.74 13.97 15.60
CA VAL A 61 -6.84 14.72 14.98
C VAL A 61 -6.97 14.32 13.53
N LYS A 62 -5.85 14.24 12.82
CA LYS A 62 -5.91 13.81 11.41
C LYS A 62 -6.47 12.40 11.25
N ALA A 63 -6.10 11.50 12.18
CA ALA A 63 -6.59 10.13 12.10
C ALA A 63 -8.11 10.11 12.22
N LEU A 64 -8.64 10.95 13.13
CA LEU A 64 -10.09 11.06 13.29
C LEU A 64 -10.77 11.64 12.05
N MSE A 65 -10.18 12.70 11.50
CA MSE A 65 -10.75 13.31 10.28
C MSE A 65 -10.73 12.33 9.10
O MSE A 65 -11.67 12.28 8.31
CB MSE A 65 -10.04 14.61 9.96
CG MSE A 65 -10.25 15.66 11.03
SE MSE A 65 -9.12 17.22 10.75
CE MSE A 65 -10.08 17.99 9.29
N ASN A 66 -9.67 11.52 9.02
CA ASN A 66 -9.59 10.52 7.98
C ASN A 66 -10.61 9.40 8.16
N ALA A 67 -11.08 9.21 9.40
CA ALA A 67 -12.19 8.28 9.71
C ALA A 67 -13.55 8.91 9.42
N GLY A 68 -13.58 10.11 8.87
CA GLY A 68 -14.83 10.81 8.57
C GLY A 68 -15.40 11.63 9.72
N ILE A 69 -14.69 11.71 10.84
CA ILE A 69 -15.19 12.43 12.03
C ILE A 69 -14.94 13.93 11.88
N GLU A 70 -15.97 14.72 12.15
CA GLU A 70 -15.85 16.20 12.08
C GLU A 70 -15.25 16.75 13.36
N ILE A 71 -14.46 17.80 13.21
CA ILE A 71 -13.81 18.48 14.35
C ILE A 71 -14.25 19.95 14.38
N ALA A 72 -14.60 20.42 15.57
CA ALA A 72 -14.95 21.82 15.78
C ALA A 72 -14.26 22.32 17.04
N ILE A 73 -14.02 23.63 17.08
CA ILE A 73 -13.22 24.25 18.12
C ILE A 73 -14.07 25.39 18.66
N ILE A 74 -14.24 25.44 19.98
CA ILE A 74 -14.94 26.57 20.60
C ILE A 74 -14.10 27.10 21.74
N THR A 75 -13.64 28.35 21.61
CA THR A 75 -12.76 28.96 22.59
C THR A 75 -13.29 30.35 22.95
N GLY A 76 -13.00 30.80 24.18
CA GLY A 76 -13.48 32.09 24.67
C GLY A 76 -12.50 33.20 24.33
N ARG A 77 -11.25 32.81 24.09
CA ARG A 77 -10.20 33.77 23.75
C ARG A 77 -10.17 33.89 22.24
N ARG A 78 -9.48 34.91 21.71
CA ARG A 78 -9.35 35.03 20.25
C ARG A 78 -7.89 35.30 19.88
N SER A 79 -7.38 34.55 18.89
CA SER A 79 -6.00 34.77 18.44
C SER A 79 -5.81 34.30 17.00
N GLN A 80 -4.87 34.94 16.32
CA GLN A 80 -4.46 34.47 15.03
C GLN A 80 -3.79 33.10 15.21
N ILE A 81 -3.14 32.89 16.36
CA ILE A 81 -2.49 31.62 16.66
C ILE A 81 -3.43 30.47 16.39
N VAL A 82 -4.62 30.54 16.97
CA VAL A 82 -5.58 29.46 16.85
C VAL A 82 -6.08 29.30 15.42
N GLU A 83 -6.28 30.41 14.70
N GLU A 83 -6.28 30.42 14.70
CA GLU A 83 -6.67 30.30 13.28
CA GLU A 83 -6.67 30.34 13.29
C GLU A 83 -5.59 29.53 12.54
C GLU A 83 -5.60 29.60 12.48
N ASN A 84 -4.33 29.91 12.76
CA ASN A 84 -3.19 29.33 12.06
C ASN A 84 -3.08 27.82 12.34
N ARG A 85 -3.22 27.44 13.61
CA ARG A 85 -3.01 26.06 14.01
C ARG A 85 -4.15 25.20 13.49
N MSE A 86 -5.38 25.70 13.60
CA MSE A 86 -6.52 24.87 13.21
C MSE A 86 -6.65 24.73 11.70
O MSE A 86 -6.95 23.62 11.20
CB MSE A 86 -7.81 25.36 13.86
CG MSE A 86 -7.78 25.28 15.41
SE MSE A 86 -7.23 23.55 16.12
CE MSE A 86 -6.90 24.08 17.92
N LYS A 87 -6.37 25.81 10.97
CA LYS A 87 -6.33 25.72 9.50
C LYS A 87 -5.26 24.73 9.01
N ALA A 88 -4.15 24.63 9.74
CA ALA A 88 -3.08 23.67 9.38
C ALA A 88 -3.56 22.22 9.49
N LEU A 89 -4.61 21.98 10.28
CA LEU A 89 -5.30 20.68 10.37
C LEU A 89 -6.45 20.46 9.42
N GLY A 90 -6.79 21.47 8.63
CA GLY A 90 -7.87 21.33 7.67
C GLY A 90 -9.20 21.46 8.38
N ILE A 91 -9.17 22.01 9.60
CA ILE A 91 -10.38 22.27 10.39
C ILE A 91 -11.00 23.59 9.94
N SER A 92 -12.32 23.62 9.74
CA SER A 92 -12.98 24.83 9.32
C SER A 92 -13.92 25.46 10.35
N LEU A 93 -14.42 24.64 11.27
CA LEU A 93 -15.42 25.10 12.22
C LEU A 93 -14.68 25.57 13.44
N ILE A 94 -14.25 26.83 13.38
CA ILE A 94 -13.44 27.47 14.44
C ILE A 94 -14.23 28.66 15.01
N TYR A 95 -14.65 28.54 16.27
CA TYR A 95 -15.43 29.58 16.93
C TYR A 95 -14.59 30.17 18.03
N GLN A 96 -14.15 31.42 17.86
CA GLN A 96 -13.30 32.05 18.88
C GLN A 96 -14.05 33.21 19.50
N GLY A 97 -13.52 33.70 20.62
CA GLY A 97 -14.14 34.82 21.34
C GLY A 97 -15.57 34.51 21.78
N GLN A 98 -15.83 33.25 22.10
CA GLN A 98 -17.17 32.82 22.54
C GLN A 98 -17.33 32.87 24.06
N ASP A 99 -18.07 33.87 24.54
CA ASP A 99 -18.34 34.02 25.97
C ASP A 99 -19.28 32.91 26.43
N ASP A 100 -20.29 32.62 25.60
CA ASP A 100 -21.23 31.54 25.83
C ASP A 100 -21.10 30.47 24.75
N LYS A 101 -20.58 29.32 25.14
CA LYS A 101 -20.27 28.28 24.18
C LYS A 101 -21.49 27.54 23.64
N VAL A 102 -22.63 27.66 24.32
CA VAL A 102 -23.85 26.99 23.86
C VAL A 102 -24.30 27.46 22.47
N GLN A 103 -24.20 28.76 22.19
CA GLN A 103 -24.58 29.31 20.89
C GLN A 103 -23.76 28.74 19.72
N ALA A 104 -22.44 28.66 19.93
CA ALA A 104 -21.54 28.10 18.96
C ALA A 104 -21.95 26.64 18.73
N TYR A 105 -22.29 25.93 19.83
CA TYR A 105 -22.64 24.52 19.70
C TYR A 105 -23.88 24.33 18.82
N TYR A 106 -24.93 25.11 19.11
CA TYR A 106 -26.14 25.11 18.32
C TYR A 106 -25.87 25.39 16.84
N ASP A 107 -24.92 26.28 16.56
CA ASP A 107 -24.57 26.61 15.18
C ASP A 107 -23.87 25.45 14.49
N ILE A 108 -23.00 24.78 15.23
CA ILE A 108 -22.34 23.59 14.72
C ILE A 108 -23.38 22.49 14.39
N CYS A 109 -24.33 22.28 15.29
N CYS A 109 -24.36 22.34 15.27
CA CYS A 109 -25.44 21.35 15.06
CA CYS A 109 -25.44 21.35 15.10
C CYS A 109 -26.22 21.68 13.81
C CYS A 109 -26.44 21.68 13.98
N GLN A 110 -26.52 22.96 13.61
CA GLN A 110 -27.24 23.40 12.44
C GLN A 110 -26.48 22.99 11.17
N LYS A 111 -25.21 23.40 11.11
CA LYS A 111 -24.33 23.19 9.96
C LYS A 111 -24.12 21.73 9.58
N LEU A 112 -23.81 20.88 10.56
CA LEU A 112 -23.40 19.50 10.28
C LEU A 112 -24.52 18.50 10.39
N ALA A 113 -25.57 18.88 11.12
CA ALA A 113 -26.71 17.99 11.40
C ALA A 113 -26.30 16.68 12.10
N ILE A 114 -25.28 16.77 12.96
CA ILE A 114 -24.84 15.62 13.75
C ILE A 114 -25.49 15.73 15.12
N ALA A 115 -26.05 14.62 15.59
CA ALA A 115 -26.84 14.60 16.84
C ALA A 115 -25.96 14.54 18.08
N PRO A 116 -26.48 14.99 19.24
CA PRO A 116 -25.65 15.01 20.46
C PRO A 116 -25.16 13.62 20.87
N GLU A 117 -25.94 12.61 20.54
CA GLU A 117 -25.58 11.21 20.84
C GLU A 117 -24.32 10.75 20.12
N GLN A 118 -23.98 11.40 19.02
CA GLN A 118 -22.79 11.05 18.25
C GLN A 118 -21.73 12.12 18.41
N THR A 119 -21.84 12.87 19.49
CA THR A 119 -20.91 14.00 19.69
C THR A 119 -20.09 13.84 20.97
N GLY A 120 -18.83 14.25 20.88
CA GLY A 120 -17.96 14.34 22.06
C GLY A 120 -17.45 15.76 22.25
N TYR A 121 -17.05 16.08 23.48
CA TYR A 121 -16.45 17.37 23.78
C TYR A 121 -15.30 17.23 24.78
N ILE A 122 -14.18 17.87 24.51
CA ILE A 122 -13.04 17.86 25.44
C ILE A 122 -12.87 19.28 26.05
N GLY A 123 -13.04 19.37 27.37
CA GLY A 123 -12.87 20.67 28.05
C GLY A 123 -11.94 20.61 29.24
N ASP A 124 -11.72 21.78 29.87
CA ASP A 124 -10.89 21.84 31.07
C ASP A 124 -11.44 22.75 32.16
N ASP A 125 -12.56 23.45 31.92
CA ASP A 125 -13.09 24.37 32.93
C ASP A 125 -14.61 24.47 32.86
N LEU A 126 -15.21 25.18 33.81
CA LEU A 126 -16.66 25.14 34.02
C LEU A 126 -17.46 25.70 32.85
N ILE A 127 -16.86 26.63 32.11
CA ILE A 127 -17.50 27.21 30.91
C ILE A 127 -17.76 26.15 29.82
N ASP A 128 -17.05 25.03 29.92
CA ASP A 128 -17.20 23.96 28.96
C ASP A 128 -18.40 23.08 29.29
N TRP A 129 -18.83 23.10 30.56
CA TRP A 129 -19.85 22.16 31.00
C TRP A 129 -21.21 22.31 30.29
N PRO A 130 -21.68 23.56 30.04
CA PRO A 130 -22.99 23.67 29.38
C PRO A 130 -23.08 23.01 28.01
N VAL A 131 -21.98 22.93 27.29
CA VAL A 131 -21.97 22.16 26.04
C VAL A 131 -21.77 20.66 26.31
N MSE A 132 -20.82 20.33 27.17
N MSE A 132 -20.83 20.36 27.19
CA MSE A 132 -20.52 18.93 27.48
CA MSE A 132 -20.48 18.98 27.55
C MSE A 132 -21.76 18.16 27.97
C MSE A 132 -21.67 18.17 28.06
O MSE A 132 -22.00 17.03 27.58
O MSE A 132 -21.81 17.00 27.72
CB MSE A 132 -19.41 18.83 28.51
CB MSE A 132 -19.36 18.99 28.60
CG MSE A 132 -18.06 19.23 27.99
CG MSE A 132 -18.87 17.62 28.99
SE MSE A 132 -16.76 19.51 29.40
SE MSE A 132 -17.28 17.63 30.14
CE MSE A 132 -16.67 17.70 30.14
CE MSE A 132 -16.21 18.86 29.08
N GLU A 133 -22.53 18.82 28.84
CA GLU A 133 -23.70 18.21 29.45
C GLU A 133 -24.67 17.71 28.38
N LYS A 134 -24.65 18.35 27.22
CA LYS A 134 -25.60 18.05 26.16
C LYS A 134 -25.20 16.85 25.30
N VAL A 135 -23.94 16.45 25.35
CA VAL A 135 -23.40 15.43 24.45
C VAL A 135 -23.02 14.11 25.13
N ALA A 136 -22.70 13.09 24.32
CA ALA A 136 -22.50 11.74 24.81
C ALA A 136 -21.15 11.47 25.44
N LEU A 137 -20.08 12.01 24.83
CA LEU A 137 -18.74 11.76 25.33
C LEU A 137 -18.26 13.07 25.92
N ARG A 138 -18.00 13.06 27.22
CA ARG A 138 -17.81 14.25 28.04
C ARG A 138 -16.44 14.16 28.70
N VAL A 139 -15.44 14.75 28.07
CA VAL A 139 -14.07 14.56 28.50
C VAL A 139 -13.55 15.78 29.24
N CYS A 140 -13.01 15.54 30.44
CA CYS A 140 -12.18 16.56 31.11
C CYS A 140 -10.73 16.09 31.08
N VAL A 141 -9.82 17.00 30.75
CA VAL A 141 -8.38 16.63 30.77
C VAL A 141 -7.88 16.37 32.20
N ALA A 142 -6.77 15.61 32.34
CA ALA A 142 -6.27 15.19 33.67
C ALA A 142 -6.20 16.32 34.69
N ASP A 143 -5.65 17.45 34.26
CA ASP A 143 -5.43 18.59 35.15
C ASP A 143 -6.47 19.69 34.92
N GLY A 144 -7.65 19.33 34.44
CA GLY A 144 -8.75 20.28 34.29
C GLY A 144 -9.31 20.66 35.66
N HIS A 145 -10.20 21.65 35.69
CA HIS A 145 -10.74 22.07 36.96
C HIS A 145 -11.46 20.91 37.68
N PRO A 146 -11.16 20.71 38.98
CA PRO A 146 -11.71 19.52 39.66
C PRO A 146 -13.24 19.41 39.61
N LEU A 147 -13.97 20.52 39.59
CA LEU A 147 -15.43 20.43 39.44
C LEU A 147 -15.87 19.80 38.09
N LEU A 148 -15.19 20.17 37.01
CA LEU A 148 -15.48 19.56 35.68
C LEU A 148 -15.12 18.08 35.66
N ALA A 149 -13.97 17.74 36.25
CA ALA A 149 -13.52 16.34 36.31
C ALA A 149 -14.55 15.46 37.02
N GLN A 150 -15.22 16.02 38.04
CA GLN A 150 -16.30 15.32 38.74
C GLN A 150 -17.46 14.98 37.80
N ARG A 151 -17.70 15.85 36.83
CA ARG A 151 -18.86 15.73 35.94
C ARG A 151 -18.65 14.91 34.67
N ALA A 152 -17.38 14.74 34.26
CA ALA A 152 -16.99 14.02 33.05
C ALA A 152 -17.29 12.53 33.06
N ASN A 153 -17.45 11.92 31.89
CA ASN A 153 -17.50 10.46 31.83
C ASN A 153 -16.18 9.81 31.41
N TYR A 154 -15.23 10.65 30.95
CA TYR A 154 -13.86 10.23 30.77
C TYR A 154 -12.94 11.36 31.22
N VAL A 155 -12.02 11.03 32.13
CA VAL A 155 -10.99 11.97 32.55
C VAL A 155 -9.68 11.48 31.96
N THR A 156 -9.02 12.33 31.17
CA THR A 156 -7.79 11.84 30.52
C THR A 156 -6.69 11.58 31.55
N HIS A 157 -5.80 10.68 31.18
CA HIS A 157 -4.59 10.39 31.95
C HIS A 157 -3.51 11.42 31.66
N ILE A 158 -3.44 11.85 30.41
CA ILE A 158 -2.40 12.80 29.96
C ILE A 158 -2.91 14.26 30.21
N LYS A 159 -2.01 15.15 30.61
CA LYS A 159 -2.40 16.52 30.94
C LYS A 159 -2.75 17.32 29.67
N GLY A 160 -3.58 18.36 29.86
CA GLY A 160 -3.91 19.28 28.74
C GLY A 160 -2.62 19.85 28.15
N GLY A 161 -2.57 19.91 26.83
CA GLY A 161 -1.41 20.48 26.13
C GLY A 161 -0.25 19.52 26.00
N HIS A 162 -0.39 18.29 26.51
CA HIS A 162 0.71 17.30 26.42
C HIS A 162 0.31 15.98 25.78
N GLY A 163 -0.89 15.97 25.19
CA GLY A 163 -1.37 14.75 24.55
C GLY A 163 -2.72 14.24 25.04
N ALA A 164 -3.44 15.07 25.80
CA ALA A 164 -4.83 14.76 26.20
C ALA A 164 -5.73 14.63 24.97
N VAL A 165 -5.49 15.44 23.95
CA VAL A 165 -6.32 15.36 22.73
C VAL A 165 -5.99 14.01 22.04
N ARG A 166 -4.70 13.72 21.86
CA ARG A 166 -4.28 12.46 21.23
C ARG A 166 -4.88 11.25 21.96
N GLU A 167 -4.86 11.32 23.27
CA GLU A 167 -5.43 10.23 24.08
C GLU A 167 -6.90 9.95 23.73
N VAL A 168 -7.69 11.02 23.60
CA VAL A 168 -9.13 10.84 23.23
C VAL A 168 -9.23 10.29 21.79
N CYS A 169 -8.39 10.79 20.90
CA CYS A 169 -8.33 10.23 19.53
C CYS A 169 -8.03 8.74 19.56
N ASP A 170 -7.08 8.35 20.41
CA ASP A 170 -6.70 6.93 20.51
C ASP A 170 -7.85 6.08 21.07
N LEU A 171 -8.61 6.65 22.01
CA LEU A 171 -9.77 5.96 22.59
C LEU A 171 -10.80 5.64 21.50
N ILE A 172 -11.11 6.66 20.69
CA ILE A 172 -12.02 6.51 19.55
C ILE A 172 -11.51 5.50 18.52
N LEU A 173 -10.24 5.61 18.11
CA LEU A 173 -9.71 4.64 17.15
C LEU A 173 -9.75 3.22 17.69
N GLN A 174 -9.42 3.05 18.99
CA GLN A 174 -9.47 1.74 19.62
C GLN A 174 -10.92 1.21 19.53
N ALA A 175 -11.86 2.09 19.86
CA ALA A 175 -13.31 1.74 19.86
C ALA A 175 -13.79 1.30 18.47
N ARG A 176 -13.22 1.91 17.42
CA ARG A 176 -13.52 1.57 16.01
C ARG A 176 -12.82 0.32 15.50
N ASN A 177 -12.02 -0.32 16.36
CA ASN A 177 -11.23 -1.46 16.01
C ASN A 177 -10.14 -1.12 14.98
N GLU A 178 -9.67 0.12 15.07
CA GLU A 178 -8.60 0.63 14.18
C GLU A 178 -7.28 0.80 14.91
N LEU A 179 -7.22 0.29 16.14
N LEU A 179 -7.25 0.34 16.16
CA LEU A 179 -6.03 0.46 16.97
CA LEU A 179 -6.07 0.45 17.01
C LEU A 179 -6.05 -0.60 18.08
C LEU A 179 -6.12 -0.66 18.05
N ASP A 180 -5.26 -1.67 17.88
CA ASP A 180 -5.21 -2.82 18.80
C ASP A 180 -4.59 -2.47 20.14
N VAL A 181 -5.26 -2.85 21.23
CA VAL A 181 -4.70 -2.66 22.55
C VAL A 181 -4.73 -4.00 23.25
N HIS A 182 -3.54 -4.59 23.49
CA HIS A 182 -3.47 -5.90 24.17
C HIS A 182 -3.80 -5.82 25.67
N SER B 4 12.38 -8.25 25.73
CA SER B 4 11.32 -9.10 25.11
C SER B 4 10.04 -8.33 24.78
N SER B 5 10.20 -7.01 24.64
N SER B 5 10.17 -7.01 24.60
CA SER B 5 9.11 -6.16 24.21
CA SER B 5 9.03 -6.18 24.21
C SER B 5 8.57 -6.64 22.86
C SER B 5 8.56 -6.52 22.79
N THR B 6 9.48 -6.96 21.94
CA THR B 6 9.11 -7.45 20.61
C THR B 6 9.89 -8.72 20.30
N VAL B 7 9.43 -9.43 19.28
CA VAL B 7 10.03 -10.68 18.82
C VAL B 7 10.47 -10.47 17.36
N SER B 8 11.71 -10.84 17.06
CA SER B 8 12.22 -10.65 15.71
C SER B 8 11.56 -11.64 14.74
N THR B 9 11.16 -11.13 13.58
CA THR B 9 10.71 -11.99 12.49
C THR B 9 11.74 -11.84 11.39
N LEU B 10 11.49 -12.47 10.24
CA LEU B 10 12.41 -12.36 9.11
C LEU B 10 12.34 -10.97 8.50
N TYR B 11 11.35 -10.18 8.90
CA TYR B 11 11.06 -8.92 8.24
C TYR B 11 11.08 -7.70 9.14
N GLY B 12 11.25 -7.90 10.44
CA GLY B 12 11.12 -6.79 11.38
C GLY B 12 10.87 -7.29 12.78
N GLU B 13 10.13 -6.52 13.56
CA GLU B 13 9.90 -6.84 14.98
C GLU B 13 8.42 -6.77 15.23
N VAL B 14 7.85 -7.82 15.82
CA VAL B 14 6.42 -7.81 16.12
C VAL B 14 6.18 -7.95 17.62
N GLU B 15 5.05 -7.41 18.07
CA GLU B 15 4.62 -7.59 19.46
C GLU B 15 4.23 -9.04 19.71
N PRO B 16 4.61 -9.59 20.89
CA PRO B 16 4.23 -10.98 21.19
C PRO B 16 2.73 -11.22 21.04
N SER B 17 1.93 -10.22 21.38
CA SER B 17 0.46 -10.33 21.22
C SER B 17 0.06 -10.61 19.76
N LEU B 18 0.80 -10.02 18.81
CA LEU B 18 0.50 -10.23 17.40
C LEU B 18 0.89 -11.64 16.95
N LEU B 19 2.03 -12.13 17.43
CA LEU B 19 2.43 -13.50 17.11
C LEU B 19 1.40 -14.45 17.70
N GLU B 20 0.89 -14.14 18.89
CA GLU B 20 -0.13 -15.01 19.48
C GLU B 20 -1.41 -15.10 18.64
N ILE B 21 -1.83 -13.98 18.05
CA ILE B 21 -2.95 -13.96 17.12
C ILE B 21 -2.61 -14.82 15.91
N ALA B 22 -1.38 -14.64 15.39
CA ALA B 22 -0.97 -15.37 14.20
C ALA B 22 -0.94 -16.88 14.44
N LYS B 23 -0.53 -17.30 15.65
CA LYS B 23 -0.42 -18.72 15.96
C LYS B 23 -1.74 -19.43 15.85
N GLN B 24 -2.82 -18.69 16.14
N GLN B 24 -2.85 -18.77 16.15
CA GLN B 24 -4.18 -19.23 16.23
CA GLN B 24 -4.12 -19.49 16.14
C GLN B 24 -4.90 -19.35 14.90
C GLN B 24 -5.02 -19.15 14.95
N ILE B 25 -4.39 -18.68 13.87
CA ILE B 25 -5.07 -18.54 12.57
C ILE B 25 -5.38 -19.89 11.91
N LYS B 26 -6.66 -20.08 11.60
CA LYS B 26 -7.13 -21.31 10.94
C LYS B 26 -7.59 -21.04 9.50
N LEU B 27 -7.77 -19.76 9.19
CA LEU B 27 -8.31 -19.34 7.89
C LEU B 27 -7.62 -18.05 7.51
N LEU B 28 -7.07 -18.02 6.29
CA LEU B 28 -6.48 -16.79 5.76
C LEU B 28 -7.22 -16.41 4.47
N ILE B 29 -7.85 -15.25 4.49
CA ILE B 29 -8.60 -14.74 3.35
C ILE B 29 -7.76 -13.68 2.65
N CYS B 30 -7.65 -13.77 1.34
CA CYS B 30 -6.90 -12.75 0.55
C CYS B 30 -7.74 -12.13 -0.54
N ASP B 31 -7.60 -10.82 -0.67
CA ASP B 31 -7.94 -10.13 -1.90
C ASP B 31 -6.92 -10.59 -2.98
N VAL B 32 -7.25 -10.37 -4.26
CA VAL B 32 -6.36 -10.70 -5.35
C VAL B 32 -5.56 -9.48 -5.81
N ASP B 33 -6.24 -8.52 -6.47
CA ASP B 33 -5.49 -7.43 -7.11
C ASP B 33 -4.88 -6.50 -6.09
N GLY B 34 -3.56 -6.35 -6.18
CA GLY B 34 -2.83 -5.51 -5.23
C GLY B 34 -2.29 -6.30 -4.06
N VAL B 35 -2.72 -7.56 -3.94
CA VAL B 35 -2.26 -8.44 -2.84
C VAL B 35 -1.46 -9.61 -3.43
N PHE B 36 -2.14 -10.46 -4.19
CA PHE B 36 -1.44 -11.46 -4.99
C PHE B 36 -0.72 -10.86 -6.21
N SER B 37 -1.21 -9.71 -6.66
CA SER B 37 -0.59 -9.03 -7.81
C SER B 37 -0.17 -7.65 -7.36
N ASP B 38 0.53 -6.91 -8.22
CA ASP B 38 0.87 -5.54 -7.87
C ASP B 38 -0.22 -4.50 -8.18
N GLY B 39 -1.45 -4.95 -8.45
CA GLY B 39 -2.52 -3.99 -8.71
C GLY B 39 -2.70 -3.69 -10.20
N LEU B 40 -1.76 -4.17 -11.03
CA LEU B 40 -1.90 -3.89 -12.49
C LEU B 40 -2.79 -4.91 -13.18
N ILE B 41 -3.56 -4.41 -14.14
CA ILE B 41 -4.35 -5.21 -15.06
C ILE B 41 -3.71 -4.90 -16.43
N TYR B 42 -3.21 -5.92 -17.13
CA TYR B 42 -2.68 -5.70 -18.49
C TYR B 42 -3.75 -6.02 -19.50
N MSE B 43 -4.13 -5.02 -20.31
N MSE B 43 -4.13 -5.03 -20.32
CA MSE B 43 -5.21 -5.18 -21.29
CA MSE B 43 -5.21 -5.22 -21.29
C MSE B 43 -4.66 -5.11 -22.70
C MSE B 43 -4.69 -5.09 -22.71
O MSE B 43 -3.86 -4.21 -23.01
O MSE B 43 -3.95 -4.16 -23.04
CB MSE B 43 -6.27 -4.09 -21.12
CB MSE B 43 -6.33 -4.22 -21.06
CG MSE B 43 -6.96 -4.05 -19.74
CG MSE B 43 -6.72 -4.10 -19.60
SE MSE B 43 -7.82 -5.75 -19.28
SE MSE B 43 -8.40 -3.15 -19.38
CE MSE B 43 -8.91 -6.05 -20.90
CE MSE B 43 -9.52 -4.06 -20.67
N GLY B 44 -5.12 -6.02 -23.56
CA GLY B 44 -4.65 -6.11 -24.93
C GLY B 44 -5.58 -5.64 -26.02
N ASN B 45 -5.03 -5.45 -27.22
CA ASN B 45 -5.81 -4.90 -28.33
C ASN B 45 -6.84 -5.87 -28.94
N GLN B 46 -6.77 -7.15 -28.57
CA GLN B 46 -7.85 -8.12 -28.90
C GLN B 46 -8.61 -8.56 -27.64
N GLY B 47 -8.58 -7.74 -26.61
CA GLY B 47 -9.30 -8.01 -25.37
C GLY B 47 -8.60 -8.95 -24.41
N GLU B 48 -7.35 -9.32 -24.75
CA GLU B 48 -6.54 -10.13 -23.84
C GLU B 48 -6.42 -9.47 -22.46
N GLU B 49 -6.26 -10.29 -21.43
CA GLU B 49 -5.99 -9.74 -20.11
C GLU B 49 -4.90 -10.57 -19.48
N LEU B 50 -3.87 -9.91 -18.92
CA LEU B 50 -2.92 -10.62 -18.05
C LEU B 50 -2.95 -10.10 -16.62
N LYS B 51 -2.45 -10.93 -15.70
CA LYS B 51 -2.27 -10.53 -14.29
C LYS B 51 -1.02 -11.25 -13.86
N THR B 52 -0.25 -10.68 -12.94
CA THR B 52 0.93 -11.41 -12.44
C THR B 52 0.72 -12.03 -11.06
N PHE B 53 1.40 -13.15 -10.84
CA PHE B 53 1.50 -13.77 -9.53
C PHE B 53 2.98 -14.03 -9.26
N HIS B 54 3.35 -14.14 -7.98
CA HIS B 54 4.74 -14.32 -7.64
C HIS B 54 5.01 -15.73 -7.11
N THR B 55 6.08 -16.34 -7.61
CA THR B 55 6.49 -17.71 -7.20
C THR B 55 6.75 -17.85 -5.70
N ARG B 56 7.26 -16.82 -5.05
CA ARG B 56 7.52 -16.95 -3.60
C ARG B 56 6.20 -16.96 -2.82
N ASP B 57 5.15 -16.32 -3.35
CA ASP B 57 3.83 -16.39 -2.71
C ASP B 57 3.24 -17.79 -2.81
N GLY B 58 3.46 -18.44 -3.96
CA GLY B 58 2.93 -19.78 -4.21
C GLY B 58 3.49 -20.74 -3.19
N TYR B 59 4.80 -20.64 -2.96
CA TYR B 59 5.43 -21.47 -1.97
C TYR B 59 4.83 -21.25 -0.58
N GLY B 60 4.60 -19.99 -0.22
CA GLY B 60 4.04 -19.68 1.11
C GLY B 60 2.63 -20.23 1.32
N VAL B 61 1.79 -20.06 0.30
CA VAL B 61 0.40 -20.52 0.36
C VAL B 61 0.35 -22.06 0.51
N LYS B 62 1.18 -22.76 -0.25
CA LYS B 62 1.25 -24.21 -0.12
C LYS B 62 1.71 -24.65 1.29
N ALA B 63 2.68 -23.93 1.86
CA ALA B 63 3.18 -24.25 3.20
C ALA B 63 2.09 -24.10 4.25
N LEU B 64 1.30 -23.01 4.15
CA LEU B 64 0.19 -22.85 5.10
C LEU B 64 -0.85 -23.94 4.96
N MSE B 65 -1.23 -24.28 3.72
CA MSE B 65 -2.20 -25.34 3.51
C MSE B 65 -1.68 -26.68 4.03
O MSE B 65 -2.44 -27.43 4.65
CB MSE B 65 -2.61 -25.42 2.04
CG MSE B 65 -3.18 -24.12 1.61
SE MSE B 65 -3.74 -24.20 -0.28
CE MSE B 65 -5.48 -24.42 0.21
N ASN B 66 -0.40 -26.95 3.79
CA ASN B 66 0.21 -28.19 4.34
C ASN B 66 0.15 -28.25 5.87
N ALA B 67 0.09 -27.07 6.49
CA ALA B 67 -0.03 -26.94 7.95
C ALA B 67 -1.50 -27.03 8.43
N GLY B 68 -2.44 -27.21 7.50
CA GLY B 68 -3.85 -27.38 7.87
C GLY B 68 -4.69 -26.10 7.86
N ILE B 69 -4.09 -24.98 7.40
CA ILE B 69 -4.77 -23.69 7.38
C ILE B 69 -5.54 -23.54 6.06
N GLU B 70 -6.82 -23.14 6.16
CA GLU B 70 -7.66 -22.92 4.98
C GLU B 70 -7.33 -21.58 4.35
N ILE B 71 -7.42 -21.54 3.02
CA ILE B 71 -7.20 -20.28 2.28
C ILE B 71 -8.45 -19.97 1.44
N ALA B 72 -8.90 -18.72 1.48
CA ALA B 72 -10.01 -18.28 0.61
C ALA B 72 -9.64 -16.96 -0.07
N ILE B 73 -10.27 -16.72 -1.22
CA ILE B 73 -10.04 -15.55 -2.04
C ILE B 73 -11.33 -14.79 -2.21
N ILE B 74 -11.29 -13.46 -2.06
CA ILE B 74 -12.48 -12.64 -2.35
C ILE B 74 -12.04 -11.48 -3.24
N THR B 75 -12.58 -11.43 -4.45
CA THR B 75 -12.19 -10.40 -5.41
C THR B 75 -13.39 -9.80 -6.14
N GLY B 76 -13.29 -8.53 -6.47
CA GLY B 76 -14.41 -7.83 -7.10
C GLY B 76 -14.42 -8.04 -8.60
N ARG B 77 -13.25 -8.36 -9.15
CA ARG B 77 -13.13 -8.61 -10.59
C ARG B 77 -13.45 -10.08 -10.82
N ARG B 78 -13.60 -10.47 -12.09
CA ARG B 78 -13.80 -11.91 -12.37
C ARG B 78 -12.97 -12.29 -13.58
N SER B 79 -12.10 -13.29 -13.44
CA SER B 79 -11.27 -13.73 -14.55
C SER B 79 -11.05 -15.22 -14.53
N GLN B 80 -10.87 -15.80 -15.72
CA GLN B 80 -10.34 -17.15 -15.83
C GLN B 80 -8.96 -17.26 -15.20
N ILE B 81 -8.18 -16.19 -15.32
CA ILE B 81 -6.85 -16.16 -14.71
C ILE B 81 -6.92 -16.58 -13.25
N VAL B 82 -7.85 -15.99 -12.50
CA VAL B 82 -7.93 -16.27 -11.05
C VAL B 82 -8.38 -17.72 -10.80
N GLU B 83 -9.35 -18.19 -11.58
CA GLU B 83 -9.76 -19.59 -11.48
C GLU B 83 -8.56 -20.52 -11.68
N ASN B 84 -7.77 -20.25 -12.73
CA ASN B 84 -6.63 -21.09 -13.10
C ASN B 84 -5.52 -21.11 -12.06
N ARG B 85 -5.17 -19.91 -11.59
CA ARG B 85 -4.09 -19.77 -10.62
C ARG B 85 -4.50 -20.42 -9.30
N MSE B 86 -5.73 -20.20 -8.88
CA MSE B 86 -6.18 -20.77 -7.58
C MSE B 86 -6.30 -22.29 -7.62
O MSE B 86 -5.89 -22.96 -6.67
CB MSE B 86 -7.47 -20.12 -7.08
CG MSE B 86 -7.30 -18.60 -6.85
SE MSE B 86 -5.77 -18.13 -5.69
CE MSE B 86 -5.57 -16.32 -6.37
N LYS B 87 -6.88 -22.83 -8.68
CA LYS B 87 -6.92 -24.28 -8.85
C LYS B 87 -5.51 -24.88 -8.85
N ALA B 88 -4.57 -24.21 -9.53
CA ALA B 88 -3.16 -24.68 -9.56
C ALA B 88 -2.57 -24.81 -8.15
N LEU B 89 -2.90 -23.84 -7.30
CA LEU B 89 -2.47 -23.83 -5.90
C LEU B 89 -3.25 -24.76 -4.97
N GLY B 90 -4.36 -25.29 -5.45
CA GLY B 90 -5.23 -26.13 -4.61
C GLY B 90 -6.20 -25.35 -3.73
N ILE B 91 -6.39 -24.07 -4.05
CA ILE B 91 -7.40 -23.23 -3.39
C ILE B 91 -8.77 -23.40 -4.07
N SER B 92 -9.77 -23.78 -3.28
CA SER B 92 -11.12 -23.97 -3.83
C SER B 92 -12.18 -22.94 -3.41
N LEU B 93 -11.93 -22.24 -2.31
CA LEU B 93 -12.87 -21.24 -1.82
C LEU B 93 -12.60 -19.94 -2.56
N ILE B 94 -13.18 -19.80 -3.73
CA ILE B 94 -12.88 -18.68 -4.64
C ILE B 94 -14.14 -17.86 -4.91
N TYR B 95 -14.16 -16.64 -4.40
CA TYR B 95 -15.28 -15.72 -4.60
C TYR B 95 -14.87 -14.58 -5.53
N GLN B 96 -15.40 -14.58 -6.76
CA GLN B 96 -15.10 -13.52 -7.71
C GLN B 96 -16.34 -12.68 -7.99
N GLY B 97 -16.13 -11.53 -8.59
CA GLY B 97 -17.24 -10.65 -8.99
C GLY B 97 -17.99 -10.10 -7.78
N GLN B 98 -17.32 -10.03 -6.63
CA GLN B 98 -17.92 -9.57 -5.36
C GLN B 98 -17.75 -8.07 -5.12
N ASP B 99 -18.81 -7.29 -5.28
CA ASP B 99 -18.75 -5.86 -4.93
C ASP B 99 -18.78 -5.69 -3.39
N ASP B 100 -19.73 -6.36 -2.74
CA ASP B 100 -19.73 -6.45 -1.27
C ASP B 100 -19.03 -7.69 -0.69
N LYS B 101 -17.82 -7.46 -0.20
CA LYS B 101 -17.02 -8.56 0.36
C LYS B 101 -17.55 -9.21 1.65
N VAL B 102 -18.38 -8.50 2.39
CA VAL B 102 -18.88 -8.98 3.68
C VAL B 102 -19.76 -10.23 3.47
N GLN B 103 -20.58 -10.24 2.40
CA GLN B 103 -21.45 -11.39 2.15
C GLN B 103 -20.63 -12.66 1.83
N ALA B 104 -19.59 -12.50 1.03
CA ALA B 104 -18.67 -13.59 0.71
C ALA B 104 -18.01 -14.09 2.03
N TYR B 105 -17.60 -13.15 2.86
CA TYR B 105 -16.97 -13.49 4.16
C TYR B 105 -17.94 -14.36 4.98
N TYR B 106 -19.19 -13.94 5.08
CA TYR B 106 -20.15 -14.70 5.85
C TYR B 106 -20.33 -16.12 5.29
N ASP B 107 -20.33 -16.24 3.96
CA ASP B 107 -20.48 -17.54 3.32
C ASP B 107 -19.28 -18.43 3.67
N ILE B 108 -18.08 -17.83 3.65
CA ILE B 108 -16.86 -18.57 3.99
C ILE B 108 -16.91 -19.03 5.45
N CYS B 109 -17.27 -18.11 6.34
CA CYS B 109 -17.43 -18.41 7.76
C CYS B 109 -18.41 -19.61 8.00
N GLN B 110 -19.59 -19.57 7.38
N GLN B 110 -19.57 -19.56 7.35
CA GLN B 110 -20.56 -20.68 7.45
CA GLN B 110 -20.58 -20.62 7.35
C GLN B 110 -20.07 -22.00 6.80
C GLN B 110 -20.05 -21.95 6.81
N LYS B 111 -19.33 -21.92 5.70
CA LYS B 111 -18.81 -23.14 5.04
C LYS B 111 -17.79 -23.89 5.89
N LEU B 112 -16.99 -23.13 6.64
CA LEU B 112 -15.88 -23.67 7.42
C LEU B 112 -16.09 -23.74 8.92
N ALA B 113 -17.11 -23.03 9.43
CA ALA B 113 -17.36 -22.95 10.89
C ALA B 113 -16.09 -22.52 11.64
N ILE B 114 -15.42 -21.53 11.04
CA ILE B 114 -14.23 -20.91 11.63
C ILE B 114 -14.58 -19.49 12.05
N ALA B 115 -14.27 -19.18 13.29
CA ALA B 115 -14.58 -17.89 13.90
C ALA B 115 -13.67 -16.75 13.41
N PRO B 116 -14.19 -15.51 13.48
CA PRO B 116 -13.38 -14.37 13.09
C PRO B 116 -12.10 -14.22 13.92
N GLU B 117 -12.11 -14.65 15.19
CA GLU B 117 -10.88 -14.61 16.02
C GLU B 117 -9.77 -15.55 15.56
N GLN B 118 -10.09 -16.50 14.70
CA GLN B 118 -9.08 -17.39 14.13
C GLN B 118 -8.91 -17.11 12.64
N THR B 119 -9.33 -15.91 12.20
CA THR B 119 -9.25 -15.58 10.76
C THR B 119 -8.32 -14.38 10.54
N GLY B 120 -7.59 -14.42 9.43
CA GLY B 120 -6.82 -13.28 8.98
C GLY B 120 -7.31 -12.85 7.60
N TYR B 121 -7.04 -11.60 7.25
CA TYR B 121 -7.40 -11.10 5.93
C TYR B 121 -6.28 -10.20 5.44
N ILE B 122 -5.87 -10.41 4.19
CA ILE B 122 -4.84 -9.54 3.58
C ILE B 122 -5.49 -8.70 2.48
N GLY B 123 -5.45 -7.37 2.65
CA GLY B 123 -6.09 -6.41 1.73
C GLY B 123 -5.14 -5.35 1.23
N ASP B 124 -5.58 -4.57 0.23
CA ASP B 124 -4.78 -3.42 -0.19
C ASP B 124 -5.62 -2.14 -0.33
N ASP B 125 -6.96 -2.25 -0.21
CA ASP B 125 -7.79 -1.04 -0.41
C ASP B 125 -9.01 -1.00 0.53
N LEU B 126 -9.76 0.11 0.49
CA LEU B 126 -10.80 0.37 1.47
C LEU B 126 -11.96 -0.64 1.47
N ILE B 127 -12.25 -1.22 0.30
CA ILE B 127 -13.31 -2.25 0.17
C ILE B 127 -12.99 -3.46 1.02
N ASP B 128 -11.70 -3.66 1.32
CA ASP B 128 -11.29 -4.79 2.16
C ASP B 128 -11.56 -4.57 3.64
N TRP B 129 -11.73 -3.31 4.05
CA TRP B 129 -11.79 -3.00 5.48
C TRP B 129 -13.03 -3.60 6.19
N PRO B 130 -14.20 -3.57 5.54
CA PRO B 130 -15.38 -4.14 6.19
C PRO B 130 -15.23 -5.61 6.63
N VAL B 131 -14.45 -6.39 5.88
CA VAL B 131 -14.11 -7.76 6.29
C VAL B 131 -12.97 -7.78 7.32
N MSE B 132 -11.88 -7.06 7.04
CA MSE B 132 -10.78 -6.97 8.00
C MSE B 132 -11.19 -6.56 9.40
O MSE B 132 -10.69 -7.11 10.37
CB MSE B 132 -9.72 -5.97 7.48
CG MSE B 132 -9.04 -6.54 6.27
SE MSE B 132 -8.03 -5.20 5.24
CE MSE B 132 -6.83 -4.73 6.71
N GLU B 133 -12.13 -5.63 9.51
CA GLU B 133 -12.52 -5.08 10.77
C GLU B 133 -13.13 -6.18 11.64
N LYS B 134 -13.67 -7.20 11.00
CA LYS B 134 -14.35 -8.28 11.74
C LYS B 134 -13.38 -9.34 12.27
N VAL B 135 -12.17 -9.41 11.72
CA VAL B 135 -11.33 -10.57 11.98
C VAL B 135 -10.09 -10.21 12.82
N ALA B 136 -9.37 -11.21 13.29
CA ALA B 136 -8.29 -10.99 14.29
C ALA B 136 -7.01 -10.39 13.70
N LEU B 137 -6.59 -10.88 12.53
CA LEU B 137 -5.34 -10.47 11.91
C LEU B 137 -5.69 -9.68 10.65
N ARG B 138 -5.38 -8.39 10.66
CA ARG B 138 -5.86 -7.43 9.68
C ARG B 138 -4.65 -6.90 8.97
N VAL B 139 -4.32 -7.50 7.84
CA VAL B 139 -3.10 -7.14 7.12
C VAL B 139 -3.35 -6.20 5.96
N CYS B 140 -2.53 -5.15 5.87
CA CYS B 140 -2.47 -4.34 4.65
C CYS B 140 -1.10 -4.52 4.05
N VAL B 141 -1.04 -4.67 2.72
CA VAL B 141 0.24 -4.81 2.07
C VAL B 141 1.01 -3.50 2.11
N ALA B 142 2.34 -3.57 2.00
CA ALA B 142 3.22 -2.39 2.21
C ALA B 142 2.78 -1.16 1.44
N ASP B 143 2.41 -1.39 0.18
CA ASP B 143 2.05 -0.32 -0.74
C ASP B 143 0.53 -0.18 -0.88
N GLY B 144 -0.20 -0.73 0.08
CA GLY B 144 -1.65 -0.67 0.05
C GLY B 144 -2.10 0.76 0.30
N HIS B 145 -3.40 0.96 0.20
CA HIS B 145 -3.93 2.31 0.37
C HIS B 145 -3.56 2.84 1.77
N PRO B 146 -3.08 4.09 1.85
CA PRO B 146 -2.53 4.50 3.17
C PRO B 146 -3.53 4.59 4.31
N LEU B 147 -4.80 4.81 4.00
CA LEU B 147 -5.84 4.81 5.05
C LEU B 147 -6.07 3.38 5.54
N LEU B 148 -6.08 2.41 4.62
CA LEU B 148 -6.11 1.01 5.06
C LEU B 148 -4.87 0.66 5.92
N ALA B 149 -3.67 1.11 5.50
CA ALA B 149 -2.47 0.82 6.27
C ALA B 149 -2.55 1.33 7.73
N GLN B 150 -3.17 2.50 7.91
CA GLN B 150 -3.38 3.06 9.24
C GLN B 150 -4.26 2.17 10.14
N ARG B 151 -5.29 1.54 9.56
CA ARG B 151 -6.23 0.70 10.29
C ARG B 151 -5.76 -0.72 10.62
N ALA B 152 -4.84 -1.21 9.80
CA ALA B 152 -4.29 -2.57 9.90
C ALA B 152 -3.55 -2.83 11.22
N ASN B 153 -3.56 -4.09 11.67
CA ASN B 153 -2.65 -4.46 12.79
C ASN B 153 -1.35 -5.12 12.38
N TYR B 154 -1.18 -5.37 11.09
CA TYR B 154 0.12 -5.76 10.52
C TYR B 154 0.22 -5.17 9.13
N VAL B 155 1.28 -4.41 8.87
CA VAL B 155 1.52 -3.91 7.51
C VAL B 155 2.74 -4.66 6.99
N THR B 156 2.60 -5.32 5.85
CA THR B 156 3.76 -6.06 5.30
C THR B 156 4.90 -5.11 4.89
N HIS B 157 6.09 -5.68 4.80
CA HIS B 157 7.29 -4.96 4.34
C HIS B 157 7.48 -5.14 2.85
N ILE B 158 7.10 -6.33 2.36
CA ILE B 158 7.21 -6.66 0.95
C ILE B 158 5.96 -6.12 0.26
N LYS B 159 6.13 -5.58 -0.94
CA LYS B 159 5.01 -4.99 -1.67
C LYS B 159 4.04 -6.05 -2.21
N GLY B 160 2.77 -5.65 -2.40
CA GLY B 160 1.78 -6.53 -3.06
C GLY B 160 2.27 -7.05 -4.39
N GLY B 161 2.06 -8.33 -4.60
CA GLY B 161 2.50 -9.01 -5.84
C GLY B 161 3.95 -9.45 -5.91
N HIS B 162 4.71 -9.18 -4.85
CA HIS B 162 6.14 -9.45 -4.80
C HIS B 162 6.54 -10.25 -3.59
N GLY B 163 5.57 -10.83 -2.87
CA GLY B 163 5.89 -11.61 -1.66
C GLY B 163 5.24 -11.10 -0.38
N ALA B 164 4.31 -10.14 -0.49
CA ALA B 164 3.51 -9.72 0.69
C ALA B 164 2.73 -10.90 1.29
N VAL B 165 2.07 -11.68 0.44
CA VAL B 165 1.37 -12.87 0.94
C VAL B 165 2.36 -13.84 1.61
N ARG B 166 3.51 -14.07 0.98
CA ARG B 166 4.51 -14.95 1.58
C ARG B 166 4.94 -14.46 2.98
N GLU B 167 5.10 -13.14 3.14
CA GLU B 167 5.51 -12.58 4.42
C GLU B 167 4.49 -12.95 5.50
N VAL B 168 3.20 -12.90 5.15
CA VAL B 168 2.14 -13.24 6.13
C VAL B 168 2.15 -14.74 6.41
N CYS B 169 2.30 -15.55 5.36
CA CYS B 169 2.54 -16.99 5.57
C CYS B 169 3.69 -17.28 6.53
N ASP B 170 4.81 -16.60 6.34
CA ASP B 170 5.97 -16.77 7.20
C ASP B 170 5.68 -16.37 8.65
N LEU B 171 4.89 -15.31 8.83
CA LEU B 171 4.55 -14.86 10.17
C LEU B 171 3.76 -15.95 10.91
N ILE B 172 2.75 -16.50 10.23
CA ILE B 172 1.94 -17.55 10.83
C ILE B 172 2.80 -18.79 11.10
N LEU B 173 3.61 -19.21 10.13
CA LEU B 173 4.47 -20.39 10.34
C LEU B 173 5.49 -20.18 11.49
N GLN B 174 6.06 -18.98 11.57
CA GLN B 174 6.92 -18.65 12.71
C GLN B 174 6.16 -18.79 14.04
N ALA B 175 4.96 -18.20 14.08
CA ALA B 175 4.13 -18.20 15.29
C ALA B 175 3.80 -19.64 15.70
N ARG B 176 3.65 -20.51 14.71
CA ARG B 176 3.36 -21.93 14.95
C ARG B 176 4.59 -22.79 15.28
N ASN B 177 5.77 -22.17 15.28
CA ASN B 177 7.05 -22.86 15.54
C ASN B 177 7.39 -23.81 14.38
N GLU B 178 6.94 -23.46 13.19
CA GLU B 178 7.16 -24.29 12.01
C GLU B 178 7.99 -23.51 10.98
N LEU B 179 8.78 -22.58 11.53
CA LEU B 179 9.77 -21.77 10.83
C LEU B 179 10.73 -21.20 11.88
N SER C 4 38.56 -2.53 7.56
CA SER C 4 38.40 -3.99 7.33
C SER C 4 39.39 -4.52 6.26
N SER C 5 38.99 -5.59 5.57
CA SER C 5 39.86 -6.24 4.61
C SER C 5 39.15 -6.37 3.25
N THR C 6 38.03 -5.67 3.07
CA THR C 6 37.18 -5.83 1.87
C THR C 6 37.77 -5.26 0.58
N VAL C 7 37.35 -5.82 -0.55
CA VAL C 7 37.86 -5.46 -1.88
C VAL C 7 36.65 -4.97 -2.71
N SER C 8 36.83 -3.93 -3.53
CA SER C 8 35.73 -3.41 -4.35
C SER C 8 35.40 -4.30 -5.53
N THR C 9 34.10 -4.41 -5.80
CA THR C 9 33.59 -5.02 -7.02
C THR C 9 32.91 -3.90 -7.81
N LEU C 10 32.32 -4.24 -8.96
CA LEU C 10 31.52 -3.26 -9.70
C LEU C 10 30.24 -2.85 -8.96
N TYR C 11 29.89 -3.63 -7.94
CA TYR C 11 28.62 -3.48 -7.27
C TYR C 11 28.71 -3.11 -5.79
N GLY C 12 29.87 -3.28 -5.18
CA GLY C 12 30.05 -2.97 -3.76
C GLY C 12 31.31 -3.59 -3.22
N GLU C 13 31.26 -4.03 -1.96
CA GLU C 13 32.42 -4.57 -1.26
C GLU C 13 32.22 -6.05 -0.91
N VAL C 14 33.28 -6.87 -1.04
CA VAL C 14 33.27 -8.29 -0.60
C VAL C 14 34.52 -8.67 0.20
N GLU C 15 34.41 -9.71 1.04
CA GLU C 15 35.58 -10.28 1.74
C GLU C 15 36.50 -10.93 0.71
N PRO C 16 37.83 -10.77 0.88
CA PRO C 16 38.76 -11.40 -0.07
C PRO C 16 38.53 -12.91 -0.19
N SER C 17 38.06 -13.52 0.90
CA SER C 17 37.80 -14.97 0.93
C SER C 17 36.75 -15.39 -0.10
N LEU C 18 35.80 -14.49 -0.38
CA LEU C 18 34.76 -14.75 -1.38
C LEU C 18 35.32 -14.76 -2.80
N LEU C 19 36.23 -13.85 -3.09
CA LEU C 19 36.90 -13.81 -4.39
C LEU C 19 37.76 -15.05 -4.63
N GLU C 20 38.44 -15.52 -3.58
CA GLU C 20 39.16 -16.80 -3.59
C GLU C 20 38.26 -17.97 -4.01
N ILE C 21 37.06 -18.02 -3.44
CA ILE C 21 36.05 -19.03 -3.80
C ILE C 21 35.61 -18.84 -5.25
N ALA C 22 35.29 -17.60 -5.60
CA ALA C 22 34.78 -17.26 -6.93
C ALA C 22 35.77 -17.55 -8.06
N LYS C 23 37.06 -17.33 -7.79
CA LYS C 23 38.14 -17.57 -8.77
C LYS C 23 38.14 -18.99 -9.28
N GLN C 24 37.71 -19.90 -8.42
CA GLN C 24 37.94 -21.32 -8.64
C GLN C 24 36.68 -22.09 -9.10
N ILE C 25 35.59 -21.34 -9.33
CA ILE C 25 34.32 -21.92 -9.78
C ILE C 25 34.44 -22.46 -11.21
N LYS C 26 34.02 -23.71 -11.40
CA LYS C 26 33.95 -24.31 -12.75
C LYS C 26 32.53 -24.67 -13.20
N LEU C 27 31.58 -24.57 -12.27
CA LEU C 27 30.20 -24.90 -12.53
C LEU C 27 29.32 -23.92 -11.77
N LEU C 28 28.45 -23.21 -12.48
CA LEU C 28 27.45 -22.34 -11.85
C LEU C 28 26.05 -22.86 -12.15
N ILE C 29 25.31 -23.23 -11.10
CA ILE C 29 23.94 -23.74 -11.26
C ILE C 29 22.98 -22.63 -10.86
N CYS C 30 21.90 -22.42 -11.64
CA CYS C 30 20.93 -21.38 -11.37
C CYS C 30 19.49 -21.93 -11.29
N ASP C 31 18.73 -21.39 -10.35
CA ASP C 31 17.28 -21.52 -10.36
C ASP C 31 16.81 -20.53 -11.44
N VAL C 32 15.55 -20.66 -11.89
CA VAL C 32 14.99 -19.74 -12.89
C VAL C 32 14.16 -18.64 -12.26
N ASP C 33 12.98 -19.00 -11.73
CA ASP C 33 12.02 -17.99 -11.25
C ASP C 33 12.58 -17.27 -10.03
N GLY C 34 12.70 -15.95 -10.12
CA GLY C 34 13.26 -15.16 -9.05
C GLY C 34 14.75 -14.92 -9.20
N VAL C 35 15.39 -15.63 -10.14
CA VAL C 35 16.85 -15.47 -10.39
C VAL C 35 17.08 -14.95 -11.82
N PHE C 36 16.73 -15.76 -12.83
CA PHE C 36 16.74 -15.29 -14.23
C PHE C 36 15.54 -14.39 -14.51
N SER C 37 14.41 -14.68 -13.85
CA SER C 37 13.24 -13.81 -13.86
C SER C 37 13.07 -13.04 -12.54
N ASP C 38 12.10 -12.12 -12.46
CA ASP C 38 11.82 -11.44 -11.18
C ASP C 38 10.80 -12.18 -10.28
N GLY C 39 10.51 -13.42 -10.60
CA GLY C 39 9.61 -14.19 -9.79
C GLY C 39 8.17 -14.12 -10.24
N LEU C 40 7.86 -13.25 -11.20
CA LEU C 40 6.47 -13.12 -11.64
C LEU C 40 6.13 -14.12 -12.73
N ILE C 41 4.90 -14.60 -12.66
CA ILE C 41 4.31 -15.43 -13.69
C ILE C 41 3.16 -14.59 -14.26
N TYR C 42 3.25 -14.26 -15.55
CA TYR C 42 2.20 -13.49 -16.23
C TYR C 42 1.16 -14.48 -16.75
N MSE C 43 -0.08 -14.37 -16.28
N MSE C 43 -0.07 -14.41 -16.25
CA MSE C 43 -1.10 -15.33 -16.70
CA MSE C 43 -1.12 -15.35 -16.66
C MSE C 43 -2.25 -14.64 -17.43
C MSE C 43 -2.24 -14.65 -17.42
O MSE C 43 -2.68 -13.58 -17.01
O MSE C 43 -2.66 -13.56 -17.02
CB MSE C 43 -1.64 -16.11 -15.50
CB MSE C 43 -1.71 -16.09 -15.45
CG MSE C 43 -0.57 -16.89 -14.77
CG MSE C 43 -0.72 -16.95 -14.64
SE MSE C 43 -1.22 -17.84 -13.24
SE MSE C 43 0.33 -18.19 -15.73
CE MSE C 43 -2.51 -19.03 -14.10
CE MSE C 43 0.33 -19.76 -14.58
N GLY C 44 -2.75 -15.27 -18.49
CA GLY C 44 -3.86 -14.72 -19.28
C GLY C 44 -5.14 -15.53 -19.25
N ASN C 45 -6.25 -14.92 -19.66
CA ASN C 45 -7.55 -15.58 -19.61
C ASN C 45 -7.70 -16.77 -20.54
N GLN C 46 -6.84 -16.82 -21.57
CA GLN C 46 -6.80 -17.93 -22.51
C GLN C 46 -5.70 -18.93 -22.15
N GLY C 47 -5.18 -18.83 -20.94
CA GLY C 47 -4.09 -19.72 -20.50
C GLY C 47 -2.72 -19.32 -21.04
N GLU C 48 -2.58 -18.12 -21.60
CA GLU C 48 -1.24 -17.58 -21.93
C GLU C 48 -0.39 -17.54 -20.68
N GLU C 49 0.92 -17.73 -20.85
CA GLU C 49 1.86 -17.56 -19.76
C GLU C 49 3.12 -16.91 -20.31
N LEU C 50 3.58 -15.84 -19.65
N LEU C 50 3.61 -15.86 -19.65
CA LEU C 50 4.86 -15.21 -19.97
CA LEU C 50 4.87 -15.24 -20.02
C LEU C 50 5.79 -15.22 -18.77
C LEU C 50 5.76 -15.08 -18.79
N LYS C 51 7.07 -15.00 -19.04
CA LYS C 51 8.07 -14.83 -18.00
C LYS C 51 9.04 -13.84 -18.60
N THR C 52 9.72 -13.07 -17.75
CA THR C 52 10.72 -12.13 -18.25
C THR C 52 12.16 -12.54 -17.96
N PHE C 53 13.04 -12.17 -18.88
CA PHE C 53 14.48 -12.37 -18.70
C PHE C 53 15.14 -11.04 -19.04
N HIS C 54 16.31 -10.81 -18.44
CA HIS C 54 17.02 -9.56 -18.70
C HIS C 54 18.15 -9.71 -19.72
N THR C 55 18.23 -8.77 -20.64
CA THR C 55 19.27 -8.81 -21.68
C THR C 55 20.70 -8.77 -21.15
N ARG C 56 20.94 -8.13 -20.02
CA ARG C 56 22.33 -8.06 -19.56
C ARG C 56 22.81 -9.41 -18.98
N ASP C 57 21.86 -10.28 -18.60
CA ASP C 57 22.22 -11.64 -18.09
C ASP C 57 22.77 -12.54 -19.16
N GLY C 58 22.20 -12.46 -20.36
CA GLY C 58 22.72 -13.25 -21.47
C GLY C 58 24.20 -13.04 -21.72
N TYR C 59 24.61 -11.77 -21.76
CA TYR C 59 25.99 -11.45 -21.98
C TYR C 59 26.90 -12.07 -20.92
N GLY C 60 26.44 -12.07 -19.66
CA GLY C 60 27.22 -12.65 -18.55
C GLY C 60 27.43 -14.15 -18.68
N VAL C 61 26.34 -14.86 -18.96
CA VAL C 61 26.35 -16.31 -19.07
C VAL C 61 27.29 -16.74 -20.20
N LYS C 62 27.17 -16.09 -21.36
CA LYS C 62 28.05 -16.35 -22.49
C LYS C 62 29.52 -16.12 -22.17
N ALA C 63 29.82 -15.05 -21.44
CA ALA C 63 31.17 -14.75 -21.01
C ALA C 63 31.70 -15.88 -20.12
N LEU C 64 30.90 -16.34 -19.15
CA LEU C 64 31.34 -17.45 -18.31
C LEU C 64 31.63 -18.72 -19.10
N MSE C 65 30.77 -19.02 -20.08
CA MSE C 65 30.93 -20.25 -20.85
C MSE C 65 32.14 -20.17 -21.78
O MSE C 65 32.85 -21.16 -21.98
CB MSE C 65 29.66 -20.57 -21.61
CG MSE C 65 28.49 -20.85 -20.68
SE MSE C 65 26.98 -21.65 -21.59
CE MSE C 65 26.45 -20.11 -22.57
N ASN C 66 32.38 -18.97 -22.32
CA ASN C 66 33.62 -18.69 -23.08
C ASN C 66 34.88 -18.92 -22.25
N ALA C 67 34.76 -18.71 -20.94
CA ALA C 67 35.84 -18.96 -20.00
C ALA C 67 35.94 -20.44 -19.62
N GLY C 68 35.06 -21.28 -20.15
CA GLY C 68 35.11 -22.72 -19.89
C GLY C 68 34.35 -23.15 -18.64
N ILE C 69 33.50 -22.27 -18.13
CA ILE C 69 32.66 -22.58 -16.97
C ILE C 69 31.35 -23.17 -17.46
N GLU C 70 30.97 -24.33 -16.92
CA GLU C 70 29.67 -24.94 -17.23
C GLU C 70 28.55 -24.21 -16.51
N ILE C 71 27.37 -24.18 -17.15
CA ILE C 71 26.18 -23.59 -16.58
C ILE C 71 25.06 -24.62 -16.63
N ALA C 72 24.30 -24.71 -15.55
CA ALA C 72 23.17 -25.62 -15.51
C ALA C 72 21.99 -24.94 -14.81
N ILE C 73 20.79 -25.42 -15.11
CA ILE C 73 19.58 -24.82 -14.60
C ILE C 73 18.77 -25.90 -13.89
N ILE C 74 18.24 -25.57 -12.71
CA ILE C 74 17.32 -26.48 -12.01
C ILE C 74 16.08 -25.74 -11.57
N THR C 75 14.93 -26.14 -12.11
CA THR C 75 13.68 -25.48 -11.77
C THR C 75 12.53 -26.44 -11.47
N GLY C 76 11.63 -25.98 -10.60
CA GLY C 76 10.44 -26.75 -10.16
C GLY C 76 9.25 -26.65 -11.10
N ARG C 77 9.17 -25.54 -11.83
CA ARG C 77 8.15 -25.34 -12.85
C ARG C 77 8.62 -26.04 -14.14
N ARG C 78 7.74 -26.13 -15.13
CA ARG C 78 8.17 -26.60 -16.45
C ARG C 78 7.48 -25.77 -17.50
N SER C 79 8.26 -25.22 -18.42
CA SER C 79 7.70 -24.40 -19.48
C SER C 79 8.51 -24.49 -20.77
N GLN C 80 7.81 -24.31 -21.89
CA GLN C 80 8.48 -24.11 -23.16
C GLN C 80 9.31 -22.82 -23.11
N ILE C 81 8.84 -21.83 -22.34
CA ILE C 81 9.56 -20.58 -22.15
C ILE C 81 11.03 -20.82 -21.76
N VAL C 82 11.21 -21.61 -20.71
CA VAL C 82 12.54 -21.89 -20.20
C VAL C 82 13.39 -22.67 -21.20
N GLU C 83 12.80 -23.66 -21.86
CA GLU C 83 13.51 -24.41 -22.91
C GLU C 83 14.01 -23.44 -24.00
N ASN C 84 13.09 -22.60 -24.47
CA ASN C 84 13.42 -21.61 -25.50
C ASN C 84 14.54 -20.67 -25.07
N ARG C 85 14.40 -20.08 -23.88
CA ARG C 85 15.41 -19.13 -23.43
C ARG C 85 16.78 -19.80 -23.23
N MSE C 86 16.79 -20.98 -22.60
CA MSE C 86 18.07 -21.61 -22.25
C MSE C 86 18.80 -22.07 -23.52
O MSE C 86 20.02 -21.85 -23.65
CB MSE C 86 17.89 -22.74 -21.22
CG MSE C 86 17.41 -22.28 -19.86
SE MSE C 86 18.34 -20.74 -19.06
CE MSE C 86 16.99 -20.06 -17.85
N LYS C 87 18.06 -22.64 -24.47
CA LYS C 87 18.64 -23.00 -25.77
C LYS C 87 19.24 -21.74 -26.43
N ALA C 88 18.51 -20.63 -26.40
CA ALA C 88 18.98 -19.36 -26.98
C ALA C 88 20.30 -18.88 -26.35
N LEU C 89 20.45 -19.09 -25.04
CA LEU C 89 21.69 -18.73 -24.35
C LEU C 89 22.79 -19.79 -24.51
N GLY C 90 22.44 -20.92 -25.11
CA GLY C 90 23.39 -22.02 -25.33
C GLY C 90 23.65 -22.85 -24.09
N ILE C 91 22.70 -22.83 -23.16
CA ILE C 91 22.75 -23.68 -21.96
C ILE C 91 22.03 -24.98 -22.29
N SER C 92 22.69 -26.12 -22.07
CA SER C 92 22.12 -27.40 -22.44
C SER C 92 21.72 -28.27 -21.24
N LEU C 93 22.31 -28.01 -20.08
CA LEU C 93 21.97 -28.77 -18.88
C LEU C 93 20.75 -28.16 -18.19
N ILE C 94 19.58 -28.59 -18.61
CA ILE C 94 18.31 -27.98 -18.18
C ILE C 94 17.46 -29.01 -17.46
N TYR C 95 17.21 -28.79 -16.17
CA TYR C 95 16.37 -29.68 -15.37
C TYR C 95 15.11 -28.96 -14.93
N GLN C 96 13.99 -29.32 -15.55
CA GLN C 96 12.69 -28.78 -15.17
C GLN C 96 11.79 -29.81 -14.47
N GLY C 97 10.70 -29.33 -13.87
CA GLY C 97 9.75 -30.20 -13.15
C GLY C 97 10.36 -30.86 -11.92
N GLN C 98 11.32 -30.19 -11.30
CA GLN C 98 12.05 -30.72 -10.14
C GLN C 98 11.48 -30.30 -8.79
N ASP C 99 10.79 -31.22 -8.13
CA ASP C 99 10.40 -31.04 -6.72
C ASP C 99 11.61 -31.27 -5.80
N ASP C 100 12.51 -32.16 -6.22
CA ASP C 100 13.70 -32.48 -5.45
C ASP C 100 14.92 -32.00 -6.24
N LYS C 101 15.38 -30.78 -5.92
CA LYS C 101 16.53 -30.21 -6.62
C LYS C 101 17.84 -30.95 -6.36
N VAL C 102 17.91 -31.66 -5.24
CA VAL C 102 19.13 -32.38 -4.87
C VAL C 102 19.49 -33.49 -5.87
N GLN C 103 18.46 -34.19 -6.35
CA GLN C 103 18.66 -35.28 -7.28
C GLN C 103 19.13 -34.78 -8.65
N ALA C 104 18.56 -33.67 -9.11
CA ALA C 104 19.02 -33.02 -10.34
C ALA C 104 20.49 -32.60 -10.19
N TYR C 105 20.83 -31.99 -9.05
CA TYR C 105 22.22 -31.62 -8.76
C TYR C 105 23.16 -32.84 -8.81
N TYR C 106 22.70 -33.97 -8.26
CA TYR C 106 23.51 -35.17 -8.27
C TYR C 106 23.75 -35.65 -9.70
N ASP C 107 22.73 -35.53 -10.52
CA ASP C 107 22.82 -35.93 -11.92
C ASP C 107 23.84 -35.07 -12.66
N ILE C 108 23.80 -33.76 -12.41
CA ILE C 108 24.79 -32.81 -12.94
C ILE C 108 26.21 -33.18 -12.52
N CYS C 109 26.40 -33.49 -11.23
CA CYS C 109 27.70 -33.93 -10.70
C CYS C 109 28.23 -35.16 -11.41
N GLN C 110 27.36 -36.14 -11.61
CA GLN C 110 27.76 -37.39 -12.24
C GLN C 110 28.10 -37.20 -13.72
N LYS C 111 27.34 -36.35 -14.41
N LYS C 111 27.35 -36.32 -14.40
CA LYS C 111 27.65 -36.03 -15.80
CA LYS C 111 27.59 -36.01 -15.82
C LYS C 111 28.98 -35.30 -15.94
C LYS C 111 28.79 -35.08 -16.11
N LEU C 112 29.15 -34.22 -15.17
CA LEU C 112 30.30 -33.30 -15.35
C LEU C 112 31.54 -33.64 -14.55
N ALA C 113 31.35 -34.39 -13.45
CA ALA C 113 32.44 -34.75 -12.55
C ALA C 113 33.16 -33.51 -11.99
N ILE C 114 32.37 -32.51 -11.60
CA ILE C 114 32.90 -31.27 -11.02
C ILE C 114 32.61 -31.24 -9.51
N ALA C 115 33.63 -31.00 -8.68
CA ALA C 115 33.50 -31.11 -7.22
C ALA C 115 32.69 -29.95 -6.61
N PRO C 116 32.09 -30.16 -5.42
CA PRO C 116 31.25 -29.07 -4.92
C PRO C 116 32.05 -27.83 -4.56
N GLU C 117 33.33 -28.01 -4.23
CA GLU C 117 34.24 -26.90 -3.92
C GLU C 117 34.45 -25.98 -5.10
N GLN C 118 34.17 -26.50 -6.30
CA GLN C 118 34.30 -25.74 -7.53
C GLN C 118 32.94 -25.37 -8.12
N THR C 119 31.88 -25.52 -7.33
CA THR C 119 30.53 -25.26 -7.82
C THR C 119 29.90 -24.06 -7.11
N GLY C 120 29.15 -23.27 -7.88
CA GLY C 120 28.32 -22.17 -7.33
C GLY C 120 26.84 -22.41 -7.63
N TYR C 121 25.98 -21.79 -6.83
CA TYR C 121 24.53 -21.87 -7.08
C TYR C 121 23.88 -20.53 -6.77
N ILE C 122 23.00 -20.05 -7.68
CA ILE C 122 22.25 -18.83 -7.41
C ILE C 122 20.77 -19.19 -7.19
N GLY C 123 20.25 -18.87 -6.02
CA GLY C 123 18.84 -19.16 -5.73
C GLY C 123 18.08 -17.94 -5.20
N ASP C 124 16.76 -18.10 -5.04
CA ASP C 124 15.99 -17.05 -4.36
C ASP C 124 15.04 -17.56 -3.28
N ASP C 125 14.92 -18.87 -3.07
CA ASP C 125 13.94 -19.35 -2.08
C ASP C 125 14.44 -20.62 -1.39
N LEU C 126 13.71 -21.07 -0.38
CA LEU C 126 14.19 -22.13 0.51
C LEU C 126 14.38 -23.47 -0.18
N ILE C 127 13.61 -23.72 -1.24
CA ILE C 127 13.79 -24.96 -2.03
C ILE C 127 15.22 -25.05 -2.65
N ASP C 128 15.86 -23.89 -2.80
CA ASP C 128 17.23 -23.83 -3.31
C ASP C 128 18.29 -24.21 -2.30
N TRP C 129 17.95 -24.09 -1.01
CA TRP C 129 18.94 -24.27 0.04
C TRP C 129 19.60 -25.67 0.09
N PRO C 130 18.80 -26.78 -0.04
CA PRO C 130 19.47 -28.08 0.04
C PRO C 130 20.64 -28.28 -0.93
N VAL C 131 20.58 -27.66 -2.12
CA VAL C 131 21.71 -27.71 -3.07
C VAL C 131 22.79 -26.70 -2.71
N MSE C 132 22.42 -25.45 -2.47
N MSE C 132 22.37 -25.47 -2.47
CA MSE C 132 23.39 -24.41 -2.15
CA MSE C 132 23.27 -24.38 -2.12
C MSE C 132 24.27 -24.82 -0.98
C MSE C 132 24.21 -24.75 -0.98
O MSE C 132 25.49 -24.63 -1.01
O MSE C 132 25.40 -24.46 -1.03
CB MSE C 132 22.68 -23.09 -1.79
CB MSE C 132 22.45 -23.15 -1.75
CG MSE C 132 21.94 -22.52 -2.95
CG MSE C 132 23.29 -21.93 -1.46
SE MSE C 132 20.76 -21.07 -2.46
SE MSE C 132 22.23 -20.31 -1.36
CE MSE C 132 22.04 -19.80 -1.72
CE MSE C 132 21.48 -20.38 -3.15
N GLU C 133 23.66 -25.41 0.05
CA GLU C 133 24.41 -25.81 1.25
C GLU C 133 25.61 -26.69 0.93
N LYS C 134 25.51 -27.44 -0.17
CA LYS C 134 26.49 -28.45 -0.52
C LYS C 134 27.67 -27.86 -1.29
N VAL C 135 27.47 -26.67 -1.88
CA VAL C 135 28.48 -26.08 -2.77
C VAL C 135 29.22 -24.88 -2.17
N ALA C 136 30.24 -24.43 -2.89
CA ALA C 136 31.21 -23.47 -2.37
C ALA C 136 30.74 -22.02 -2.41
N LEU C 137 30.16 -21.63 -3.55
CA LEU C 137 29.60 -20.29 -3.75
C LEU C 137 28.07 -20.35 -3.66
N ARG C 138 27.53 -19.64 -2.66
CA ARG C 138 26.14 -19.78 -2.28
C ARG C 138 25.51 -18.42 -2.42
N VAL C 139 24.84 -18.19 -3.54
CA VAL C 139 24.34 -16.86 -3.86
C VAL C 139 22.84 -16.79 -3.68
N CYS C 140 22.39 -15.77 -2.95
CA CYS C 140 20.98 -15.38 -2.92
C CYS C 140 20.85 -14.04 -3.61
N VAL C 141 19.83 -13.90 -4.46
CA VAL C 141 19.57 -12.61 -5.11
C VAL C 141 19.11 -11.57 -4.09
N ALA C 142 19.26 -10.30 -4.45
CA ALA C 142 18.98 -9.20 -3.50
C ALA C 142 17.63 -9.32 -2.81
N ASP C 143 16.59 -9.57 -3.60
CA ASP C 143 15.21 -9.66 -3.13
C ASP C 143 14.77 -11.11 -2.89
N GLY C 144 15.73 -12.02 -2.68
CA GLY C 144 15.38 -13.42 -2.41
C GLY C 144 14.81 -13.57 -1.00
N HIS C 145 14.26 -14.74 -0.71
CA HIS C 145 13.68 -14.94 0.61
C HIS C 145 14.68 -14.60 1.70
N PRO C 146 14.25 -13.79 2.70
CA PRO C 146 15.22 -13.33 3.70
C PRO C 146 15.93 -14.45 4.43
N LEU C 147 15.29 -15.61 4.58
CA LEU C 147 15.94 -16.74 5.25
C LEU C 147 17.07 -17.36 4.43
N LEU C 148 16.90 -17.40 3.11
CA LEU C 148 17.97 -17.82 2.20
C LEU C 148 19.12 -16.79 2.21
N ALA C 149 18.79 -15.51 2.26
CA ALA C 149 19.77 -14.43 2.26
C ALA C 149 20.71 -14.52 3.46
N GLN C 150 20.13 -14.80 4.63
CA GLN C 150 20.89 -15.11 5.86
C GLN C 150 21.91 -16.25 5.71
N ARG C 151 21.59 -17.24 4.89
CA ARG C 151 22.41 -18.44 4.75
C ARG C 151 23.46 -18.35 3.64
N ALA C 152 23.31 -17.38 2.74
CA ALA C 152 24.18 -17.20 1.56
C ALA C 152 25.53 -16.62 1.96
N ASN C 153 26.57 -16.87 1.18
CA ASN C 153 27.86 -16.17 1.37
C ASN C 153 28.10 -15.01 0.38
N TYR C 154 27.16 -14.83 -0.55
CA TYR C 154 27.08 -13.65 -1.37
C TYR C 154 25.61 -13.33 -1.63
N VAL C 155 25.19 -12.11 -1.28
CA VAL C 155 23.86 -11.62 -1.56
C VAL C 155 24.01 -10.55 -2.65
N THR C 156 23.35 -10.74 -3.81
CA THR C 156 23.59 -9.80 -4.92
C THR C 156 23.04 -8.42 -4.56
N HIS C 157 23.59 -7.38 -5.20
CA HIS C 157 23.04 -6.03 -5.07
C HIS C 157 21.85 -5.80 -5.99
N ILE C 158 21.90 -6.42 -7.18
CA ILE C 158 20.90 -6.28 -8.22
C ILE C 158 19.80 -7.34 -8.00
N LYS C 159 18.54 -6.93 -8.18
CA LYS C 159 17.41 -7.83 -7.98
C LYS C 159 17.35 -8.98 -8.99
N GLY C 160 16.75 -10.09 -8.54
CA GLY C 160 16.42 -11.18 -9.44
C GLY C 160 15.65 -10.71 -10.68
N GLY C 161 16.03 -11.23 -11.84
CA GLY C 161 15.38 -10.87 -13.10
C GLY C 161 15.83 -9.58 -13.72
N HIS C 162 16.74 -8.87 -13.04
CA HIS C 162 17.21 -7.56 -13.48
C HIS C 162 18.70 -7.42 -13.64
N GLY C 163 19.42 -8.54 -13.58
CA GLY C 163 20.88 -8.48 -13.72
C GLY C 163 21.61 -9.13 -12.55
N ALA C 164 20.85 -9.78 -11.67
CA ALA C 164 21.50 -10.53 -10.59
C ALA C 164 22.46 -11.61 -11.12
N VAL C 165 22.06 -12.32 -12.18
CA VAL C 165 22.92 -13.35 -12.76
C VAL C 165 24.18 -12.71 -13.34
N ARG C 166 24.00 -11.62 -14.07
CA ARG C 166 25.14 -10.89 -14.62
C ARG C 166 26.09 -10.46 -13.51
N GLU C 167 25.56 -10.03 -12.37
CA GLU C 167 26.41 -9.60 -11.29
C GLU C 167 27.33 -10.75 -10.81
N VAL C 168 26.77 -11.96 -10.73
CA VAL C 168 27.57 -13.09 -10.25
C VAL C 168 28.60 -13.47 -11.33
N CYS C 169 28.18 -13.42 -12.59
CA CYS C 169 29.15 -13.64 -13.68
C CYS C 169 30.30 -12.65 -13.56
N ASP C 170 29.97 -11.38 -13.28
CA ASP C 170 31.01 -10.33 -13.19
C ASP C 170 31.93 -10.62 -12.00
N LEU C 171 31.34 -11.09 -10.90
CA LEU C 171 32.13 -11.45 -9.70
C LEU C 171 33.17 -12.53 -10.02
N ILE C 172 32.73 -13.58 -10.73
CA ILE C 172 33.64 -14.68 -11.10
C ILE C 172 34.73 -14.18 -12.05
N LEU C 173 34.34 -13.45 -13.08
CA LEU C 173 35.32 -12.88 -14.03
C LEU C 173 36.32 -11.94 -13.36
N GLN C 174 35.83 -11.09 -12.44
CA GLN C 174 36.74 -10.23 -11.66
C GLN C 174 37.72 -11.07 -10.85
N ALA C 175 37.19 -12.08 -10.17
CA ALA C 175 38.03 -12.97 -9.35
C ALA C 175 39.11 -13.66 -10.19
N ARG C 176 38.77 -13.97 -11.44
CA ARG C 176 39.70 -14.61 -12.38
C ARG C 176 40.64 -13.61 -13.03
N ASN C 177 40.53 -12.33 -12.66
CA ASN C 177 41.30 -11.22 -13.24
C ASN C 177 41.06 -11.08 -14.76
N GLU C 178 39.80 -11.24 -15.15
CA GLU C 178 39.41 -11.14 -16.55
C GLU C 178 38.43 -9.99 -16.72
N LEU C 179 38.49 -9.03 -15.80
CA LEU C 179 37.62 -7.85 -15.81
C LEU C 179 38.23 -6.74 -14.96
N SER D 5 1.43 25.68 8.46
CA SER D 5 2.09 26.07 7.17
C SER D 5 1.59 25.21 5.99
N THR D 6 1.70 23.89 6.14
CA THR D 6 1.08 22.99 5.19
C THR D 6 0.03 22.17 5.91
N VAL D 7 -0.80 21.45 5.16
CA VAL D 7 -1.80 20.56 5.71
C VAL D 7 -1.42 19.14 5.27
N SER D 8 -1.56 18.18 6.18
CA SER D 8 -1.24 16.78 5.86
C SER D 8 -2.31 16.15 5.00
N THR D 9 -1.86 15.32 4.07
CA THR D 9 -2.70 14.43 3.27
C THR D 9 -2.29 13.00 3.58
N LEU D 10 -2.92 12.04 2.89
CA LEU D 10 -2.56 10.65 3.09
C LEU D 10 -1.17 10.36 2.54
N TYR D 11 -0.66 11.28 1.73
CA TYR D 11 0.56 11.05 0.96
C TYR D 11 1.70 11.98 1.26
N GLY D 12 1.44 13.06 2.01
CA GLY D 12 2.45 14.11 2.23
C GLY D 12 1.80 15.41 2.65
N GLU D 13 2.36 16.55 2.21
CA GLU D 13 1.95 17.87 2.69
C GLU D 13 1.61 18.77 1.53
N VAL D 14 0.52 19.51 1.67
CA VAL D 14 0.11 20.51 0.67
C VAL D 14 -0.23 21.83 1.33
N GLU D 15 -0.21 22.89 0.53
CA GLU D 15 -0.70 24.19 0.95
C GLU D 15 -2.20 24.13 1.16
N PRO D 16 -2.69 24.78 2.23
CA PRO D 16 -4.14 24.86 2.46
C PRO D 16 -4.91 25.37 1.25
N SER D 17 -4.32 26.28 0.46
CA SER D 17 -5.03 26.85 -0.67
C SER D 17 -5.25 25.81 -1.77
N LEU D 18 -4.35 24.83 -1.83
CA LEU D 18 -4.53 23.69 -2.73
C LEU D 18 -5.68 22.79 -2.29
N LEU D 19 -5.74 22.47 -1.00
CA LEU D 19 -6.88 21.73 -0.47
C LEU D 19 -8.18 22.49 -0.71
N GLU D 20 -8.13 23.81 -0.57
CA GLU D 20 -9.31 24.64 -0.81
C GLU D 20 -9.73 24.57 -2.28
N ILE D 21 -8.75 24.59 -3.20
CA ILE D 21 -9.02 24.34 -4.62
C ILE D 21 -9.63 22.94 -4.83
N ALA D 22 -8.99 21.92 -4.25
CA ALA D 22 -9.46 20.54 -4.40
C ALA D 22 -10.91 20.37 -3.95
N LYS D 23 -11.27 21.05 -2.85
CA LYS D 23 -12.59 20.91 -2.24
C LYS D 23 -13.75 21.21 -3.19
N GLN D 24 -13.52 22.15 -4.11
CA GLN D 24 -14.60 22.61 -4.96
C GLN D 24 -14.48 22.15 -6.42
N ILE D 25 -13.63 21.15 -6.68
CA ILE D 25 -13.52 20.56 -8.03
C ILE D 25 -14.81 19.81 -8.37
N LYS D 26 -15.35 20.06 -9.55
N LYS D 26 -15.35 20.06 -9.55
CA LYS D 26 -16.54 19.35 -10.02
CA LYS D 26 -16.54 19.36 -10.04
C LYS D 26 -16.27 18.57 -11.30
C LYS D 26 -16.25 18.52 -11.26
N LEU D 27 -15.08 18.73 -11.86
CA LEU D 27 -14.69 18.04 -13.07
C LEU D 27 -13.21 17.75 -13.00
N LEU D 28 -12.87 16.48 -13.21
CA LEU D 28 -11.49 16.05 -13.26
C LEU D 28 -11.17 15.42 -14.62
N ILE D 29 -10.22 16.02 -15.34
CA ILE D 29 -9.86 15.57 -16.67
C ILE D 29 -8.51 14.89 -16.60
N CYS D 30 -8.35 13.74 -17.28
CA CYS D 30 -7.10 13.00 -17.24
C CYS D 30 -6.61 12.65 -18.63
N ASP D 31 -5.30 12.75 -18.85
N ASP D 31 -5.29 12.72 -18.77
CA ASP D 31 -4.67 12.06 -19.98
CA ASP D 31 -4.51 12.05 -19.79
C ASP D 31 -4.54 10.58 -19.52
C ASP D 31 -4.52 10.55 -19.47
N VAL D 32 -4.13 9.70 -20.42
CA VAL D 32 -4.12 8.27 -20.13
C VAL D 32 -2.70 7.69 -20.01
N ASP D 33 -1.93 7.76 -21.09
CA ASP D 33 -0.60 7.11 -21.06
C ASP D 33 0.31 7.85 -20.08
N GLY D 34 0.95 7.12 -19.19
CA GLY D 34 1.76 7.75 -18.15
C GLY D 34 1.01 8.31 -16.95
N VAL D 35 -0.32 8.27 -16.98
CA VAL D 35 -1.19 8.82 -15.89
C VAL D 35 -2.02 7.64 -15.34
N PHE D 36 -2.93 7.09 -16.15
CA PHE D 36 -3.61 5.81 -15.82
C PHE D 36 -2.70 4.60 -16.09
N SER D 37 -1.89 4.67 -17.14
CA SER D 37 -1.00 3.54 -17.46
C SER D 37 0.38 3.79 -16.84
N ASP D 38 1.23 2.76 -16.81
CA ASP D 38 2.60 2.86 -16.30
C ASP D 38 3.55 3.57 -17.29
N GLY D 39 3.00 4.15 -18.36
CA GLY D 39 3.81 4.88 -19.35
C GLY D 39 4.45 3.98 -20.39
N LEU D 40 4.23 2.66 -20.26
CA LEU D 40 4.83 1.71 -21.21
C LEU D 40 3.84 1.25 -22.26
N ILE D 41 4.35 0.92 -23.44
CA ILE D 41 3.55 0.25 -24.46
C ILE D 41 4.19 -1.12 -24.63
N TYR D 42 3.43 -2.16 -24.36
CA TYR D 42 3.91 -3.55 -24.50
C TYR D 42 3.60 -4.04 -25.91
N MSE D 43 4.62 -4.29 -26.74
CA MSE D 43 4.42 -4.61 -28.16
C MSE D 43 4.96 -6.00 -28.44
O MSE D 43 6.00 -6.37 -27.89
CB MSE D 43 5.17 -3.60 -29.07
CG MSE D 43 4.62 -2.17 -28.92
SE MSE D 43 5.71 -0.94 -29.98
CE MSE D 43 5.31 -1.64 -31.72
N GLY D 44 4.25 -6.78 -29.25
CA GLY D 44 4.68 -8.13 -29.56
C GLY D 44 4.96 -8.38 -31.02
N ASN D 45 5.54 -9.54 -31.29
CA ASN D 45 5.97 -9.85 -32.64
C ASN D 45 4.83 -10.08 -33.65
N GLN D 46 3.65 -10.41 -33.15
N GLN D 46 3.63 -10.37 -33.16
CA GLN D 46 2.44 -10.59 -33.98
CA GLN D 46 2.46 -10.58 -34.03
C GLN D 46 1.50 -9.39 -33.87
C GLN D 46 1.59 -9.32 -34.13
N GLY D 47 2.08 -8.23 -33.54
CA GLY D 47 1.32 -6.98 -33.42
C GLY D 47 0.47 -6.90 -32.15
N GLU D 48 0.71 -7.78 -31.16
CA GLU D 48 0.05 -7.62 -29.85
C GLU D 48 0.39 -6.25 -29.28
N GLU D 49 -0.55 -5.66 -28.53
CA GLU D 49 -0.23 -4.45 -27.78
C GLU D 49 -1.01 -4.51 -26.48
N LEU D 50 -0.31 -4.30 -25.36
CA LEU D 50 -0.96 -4.21 -24.06
C LEU D 50 -0.72 -2.86 -23.44
N LYS D 51 -1.60 -2.46 -22.53
CA LYS D 51 -1.43 -1.26 -21.74
C LYS D 51 -1.90 -1.62 -20.33
N THR D 52 -1.32 -1.00 -19.30
CA THR D 52 -1.75 -1.36 -17.93
C THR D 52 -2.67 -0.32 -17.32
N PHE D 53 -3.48 -0.79 -16.38
CA PHE D 53 -4.34 0.08 -15.56
C PHE D 53 -4.21 -0.43 -14.14
N HIS D 54 -4.53 0.40 -13.15
CA HIS D 54 -4.26 -0.01 -11.75
C HIS D 54 -5.57 -0.07 -10.99
N THR D 55 -5.73 -1.11 -10.19
CA THR D 55 -7.02 -1.35 -9.54
C THR D 55 -7.32 -0.30 -8.47
N ARG D 56 -6.31 0.30 -7.87
CA ARG D 56 -6.63 1.33 -6.84
C ARG D 56 -7.07 2.65 -7.51
N ASP D 57 -6.67 2.86 -8.76
CA ASP D 57 -7.18 4.02 -9.54
C ASP D 57 -8.64 3.82 -9.90
N GLY D 58 -8.98 2.60 -10.28
CA GLY D 58 -10.36 2.28 -10.65
C GLY D 58 -11.30 2.60 -9.49
N TYR D 59 -10.89 2.18 -8.30
CA TYR D 59 -11.68 2.41 -7.13
C TYR D 59 -11.82 3.91 -6.86
N GLY D 60 -10.73 4.67 -6.99
CA GLY D 60 -10.76 6.10 -6.75
C GLY D 60 -11.71 6.85 -7.70
N VAL D 61 -11.66 6.52 -8.99
CA VAL D 61 -12.52 7.16 -9.99
C VAL D 61 -13.99 6.92 -9.72
N LYS D 62 -14.32 5.68 -9.35
CA LYS D 62 -15.72 5.38 -8.97
C LYS D 62 -16.16 6.16 -7.72
N ALA D 63 -15.27 6.26 -6.73
CA ALA D 63 -15.57 7.03 -5.50
C ALA D 63 -15.77 8.51 -5.81
N LEU D 64 -14.94 9.04 -6.71
CA LEU D 64 -15.08 10.43 -7.12
C LEU D 64 -16.41 10.68 -7.84
N MSE D 65 -16.79 9.78 -8.75
CA MSE D 65 -18.09 9.93 -9.41
C MSE D 65 -19.27 9.72 -8.46
O MSE D 65 -20.31 10.39 -8.59
CB MSE D 65 -18.19 9.00 -10.63
CG MSE D 65 -17.15 9.41 -11.71
SE MSE D 65 -17.32 8.40 -13.37
CE MSE D 65 -16.87 6.69 -12.61
N ASN D 66 -19.13 8.80 -7.49
CA ASN D 66 -20.18 8.63 -6.45
C ASN D 66 -20.41 9.89 -5.65
N ALA D 67 -19.35 10.68 -5.51
CA ALA D 67 -19.39 11.95 -4.79
C ALA D 67 -19.94 13.09 -5.67
N GLY D 68 -20.20 12.81 -6.94
CA GLY D 68 -20.92 13.76 -7.80
C GLY D 68 -19.98 14.52 -8.75
N ILE D 69 -18.73 14.10 -8.77
CA ILE D 69 -17.71 14.80 -9.57
C ILE D 69 -17.62 14.10 -10.91
N GLU D 70 -17.60 14.91 -11.97
CA GLU D 70 -17.50 14.41 -13.32
C GLU D 70 -16.05 14.08 -13.71
N ILE D 71 -15.89 13.01 -14.49
CA ILE D 71 -14.58 12.59 -15.04
C ILE D 71 -14.58 12.59 -16.57
N ALA D 72 -13.56 13.21 -17.17
CA ALA D 72 -13.41 13.16 -18.63
C ALA D 72 -11.97 12.80 -19.00
N ILE D 73 -11.81 12.22 -20.18
CA ILE D 73 -10.52 11.85 -20.70
C ILE D 73 -10.24 12.64 -21.98
N ILE D 74 -9.02 13.19 -22.08
CA ILE D 74 -8.53 13.78 -23.31
C ILE D 74 -7.16 13.19 -23.58
N THR D 75 -7.06 12.46 -24.68
CA THR D 75 -5.79 11.87 -25.07
C THR D 75 -5.49 12.20 -26.53
N GLY D 76 -4.20 12.31 -26.83
CA GLY D 76 -3.73 12.53 -28.20
C GLY D 76 -3.75 11.25 -29.00
N ARG D 77 -3.59 10.11 -28.31
CA ARG D 77 -3.55 8.81 -28.97
C ARG D 77 -4.96 8.23 -29.07
N ARG D 78 -5.19 7.34 -30.02
CA ARG D 78 -6.48 6.64 -30.01
C ARG D 78 -6.19 5.19 -29.70
N SER D 79 -6.89 4.67 -28.68
CA SER D 79 -6.74 3.29 -28.27
C SER D 79 -8.08 2.67 -27.91
N GLN D 80 -8.42 1.56 -28.58
CA GLN D 80 -9.64 0.85 -28.24
C GLN D 80 -9.56 0.18 -26.85
N ILE D 81 -8.35 -0.23 -26.47
CA ILE D 81 -8.10 -0.72 -25.10
C ILE D 81 -8.61 0.33 -24.09
N VAL D 82 -8.25 1.59 -24.33
CA VAL D 82 -8.64 2.71 -23.47
C VAL D 82 -10.17 2.96 -23.45
N GLU D 83 -10.81 2.94 -24.63
CA GLU D 83 -12.29 2.98 -24.72
C GLU D 83 -12.93 1.94 -23.83
N ASN D 84 -12.53 0.67 -24.01
CA ASN D 84 -13.03 -0.48 -23.22
C ASN D 84 -12.91 -0.19 -21.71
N ARG D 85 -11.70 0.20 -21.29
CA ARG D 85 -11.46 0.38 -19.86
C ARG D 85 -12.23 1.58 -19.25
N MSE D 86 -12.26 2.72 -19.95
CA MSE D 86 -12.98 3.88 -19.41
C MSE D 86 -14.49 3.62 -19.35
O MSE D 86 -15.14 4.00 -18.36
CB MSE D 86 -12.65 5.15 -20.21
CG MSE D 86 -11.14 5.51 -20.18
SE MSE D 86 -10.35 5.79 -18.39
CE MSE D 86 -8.80 4.65 -18.53
N LYS D 87 -15.03 2.96 -20.36
CA LYS D 87 -16.44 2.55 -20.37
C LYS D 87 -16.74 1.58 -19.20
N ALA D 88 -15.80 0.67 -18.93
CA ALA D 88 -15.99 -0.28 -17.82
C ALA D 88 -16.03 0.45 -16.48
N LEU D 89 -15.25 1.53 -16.37
CA LEU D 89 -15.19 2.34 -15.15
C LEU D 89 -16.40 3.28 -14.99
N GLY D 90 -17.20 3.41 -16.03
CA GLY D 90 -18.39 4.27 -15.97
C GLY D 90 -18.12 5.69 -16.46
N ILE D 91 -16.99 5.89 -17.12
CA ILE D 91 -16.63 7.20 -17.66
C ILE D 91 -17.23 7.30 -19.07
N SER D 92 -17.93 8.37 -19.38
CA SER D 92 -18.57 8.48 -20.70
C SER D 92 -18.00 9.57 -21.61
N LEU D 93 -17.35 10.55 -21.00
CA LEU D 93 -16.77 11.66 -21.75
C LEU D 93 -15.33 11.34 -22.10
N ILE D 94 -15.17 10.66 -23.24
CA ILE D 94 -13.86 10.20 -23.67
C ILE D 94 -13.50 10.84 -25.01
N TYR D 95 -12.44 11.66 -25.02
CA TYR D 95 -11.99 12.29 -26.25
C TYR D 95 -10.61 11.77 -26.66
N GLN D 96 -10.56 10.97 -27.73
CA GLN D 96 -9.29 10.40 -28.14
C GLN D 96 -8.87 10.90 -29.50
N GLY D 97 -7.61 10.68 -29.86
CA GLY D 97 -7.08 11.11 -31.16
C GLY D 97 -7.18 12.61 -31.26
N GLN D 98 -7.03 13.27 -30.11
CA GLN D 98 -7.22 14.71 -30.02
C GLN D 98 -5.90 15.43 -30.18
N ASP D 99 -5.72 15.96 -31.38
CA ASP D 99 -4.67 16.92 -31.74
C ASP D 99 -4.86 18.23 -30.93
N ASP D 100 -5.93 18.96 -31.21
CA ASP D 100 -6.28 20.15 -30.42
C ASP D 100 -6.90 19.73 -29.08
N LYS D 101 -6.04 19.45 -28.08
CA LYS D 101 -6.50 19.12 -26.74
C LYS D 101 -7.37 20.24 -26.13
N VAL D 102 -7.04 21.49 -26.44
CA VAL D 102 -7.80 22.62 -25.91
C VAL D 102 -9.25 22.69 -26.43
N GLN D 103 -9.46 22.34 -27.71
CA GLN D 103 -10.83 22.37 -28.26
C GLN D 103 -11.71 21.32 -27.58
N ALA D 104 -11.15 20.13 -27.38
CA ALA D 104 -11.80 19.06 -26.62
C ALA D 104 -12.19 19.57 -25.23
N TYR D 105 -11.25 20.24 -24.57
CA TYR D 105 -11.53 20.86 -23.27
C TYR D 105 -12.66 21.88 -23.34
N TYR D 106 -12.66 22.74 -24.37
CA TYR D 106 -13.73 23.71 -24.53
C TYR D 106 -15.12 23.07 -24.62
N ASP D 107 -15.21 22.00 -25.41
CA ASP D 107 -16.46 21.24 -25.63
C ASP D 107 -16.95 20.60 -24.34
N ILE D 108 -16.04 19.98 -23.59
CA ILE D 108 -16.37 19.44 -22.26
C ILE D 108 -16.92 20.51 -21.32
N CYS D 109 -16.20 21.62 -21.21
N CYS D 109 -16.22 21.63 -21.19
CA CYS D 109 -16.57 22.75 -20.35
CA CYS D 109 -16.66 22.70 -20.27
C CYS D 109 -17.99 23.22 -20.69
C CYS D 109 -17.96 23.38 -20.69
N GLN D 110 -18.28 23.31 -21.99
CA GLN D 110 -19.60 23.74 -22.48
C GLN D 110 -20.67 22.66 -22.21
N LYS D 111 -20.36 21.42 -22.59
N LYS D 111 -20.35 21.42 -22.60
CA LYS D 111 -21.31 20.31 -22.45
CA LYS D 111 -21.22 20.26 -22.45
C LYS D 111 -21.79 20.12 -21.01
C LYS D 111 -21.76 20.15 -21.03
N LEU D 112 -20.87 20.23 -20.06
CA LEU D 112 -21.18 20.09 -18.63
C LEU D 112 -21.52 21.39 -17.89
N ALA D 113 -21.28 22.53 -18.52
CA ALA D 113 -21.42 23.85 -17.87
C ALA D 113 -20.65 23.93 -16.55
N ILE D 114 -19.38 23.55 -16.57
CA ILE D 114 -18.51 23.64 -15.40
C ILE D 114 -17.34 24.58 -15.74
N ALA D 115 -17.08 25.55 -14.89
CA ALA D 115 -16.09 26.58 -15.15
C ALA D 115 -14.67 26.05 -14.88
N PRO D 116 -13.65 26.62 -15.57
CA PRO D 116 -12.26 26.20 -15.37
C PRO D 116 -11.84 26.24 -13.90
N GLU D 117 -12.45 27.15 -13.13
CA GLU D 117 -12.13 27.31 -11.71
C GLU D 117 -12.51 26.08 -10.87
N GLN D 118 -13.46 25.30 -11.36
CA GLN D 118 -13.90 24.08 -10.69
C GLN D 118 -13.38 22.84 -11.41
N THR D 119 -12.30 23.00 -12.19
CA THR D 119 -11.76 21.89 -13.00
C THR D 119 -10.31 21.58 -12.66
N GLY D 120 -9.95 20.29 -12.70
CA GLY D 120 -8.58 19.83 -12.54
C GLY D 120 -8.17 18.97 -13.73
N TYR D 121 -6.86 18.82 -13.93
CA TYR D 121 -6.35 18.02 -15.02
C TYR D 121 -5.09 17.28 -14.51
N ILE D 122 -4.95 16.00 -14.88
CA ILE D 122 -3.77 15.20 -14.53
C ILE D 122 -3.02 14.79 -15.80
N GLY D 123 -1.76 15.22 -15.91
CA GLY D 123 -0.97 14.97 -17.13
C GLY D 123 0.43 14.45 -16.78
N ASP D 124 1.22 14.10 -17.81
CA ASP D 124 2.58 13.63 -17.60
C ASP D 124 3.58 14.22 -18.60
N ASP D 125 3.11 14.93 -19.64
CA ASP D 125 4.05 15.48 -20.59
C ASP D 125 3.65 16.89 -21.08
N LEU D 126 4.53 17.52 -21.85
CA LEU D 126 4.27 18.87 -22.34
C LEU D 126 3.00 19.05 -23.14
N ILE D 127 2.56 18.03 -23.90
CA ILE D 127 1.33 18.20 -24.71
C ILE D 127 0.13 18.40 -23.83
N ASP D 128 0.27 18.10 -22.54
CA ASP D 128 -0.81 18.30 -21.56
C ASP D 128 -0.88 19.75 -21.09
N TRP D 129 0.18 20.52 -21.28
CA TRP D 129 0.21 21.85 -20.65
C TRP D 129 -0.85 22.83 -21.19
N PRO D 130 -1.11 22.83 -22.52
CA PRO D 130 -2.11 23.78 -23.02
C PRO D 130 -3.49 23.62 -22.34
N VAL D 131 -3.93 22.42 -22.04
CA VAL D 131 -5.18 22.29 -21.26
C VAL D 131 -4.98 22.58 -19.78
N MSE D 132 -3.89 22.07 -19.21
N MSE D 132 -3.86 22.09 -19.24
CA MSE D 132 -3.62 22.28 -17.79
CA MSE D 132 -3.55 22.22 -17.84
C MSE D 132 -3.60 23.74 -17.39
C MSE D 132 -3.47 23.67 -17.35
O MSE D 132 -4.24 24.12 -16.42
O MSE D 132 -3.95 23.95 -16.28
CB MSE D 132 -2.31 21.63 -17.39
CB MSE D 132 -2.27 21.47 -17.49
CG MSE D 132 -2.46 20.17 -17.26
CG MSE D 132 -1.94 21.54 -16.03
SE MSE D 132 -0.75 19.25 -17.12
SE MSE D 132 -0.54 20.30 -15.49
CE MSE D 132 -0.31 19.74 -15.29
CE MSE D 132 -1.13 18.78 -16.54
N GLU D 133 -2.88 24.57 -18.15
CA GLU D 133 -2.77 25.99 -17.77
C GLU D 133 -4.13 26.71 -17.64
N LYS D 134 -5.16 26.13 -18.22
CA LYS D 134 -6.49 26.75 -18.18
C LYS D 134 -7.28 26.45 -16.91
N VAL D 135 -6.88 25.40 -16.21
CA VAL D 135 -7.68 24.89 -15.07
C VAL D 135 -7.06 25.18 -13.71
N ALA D 136 -7.82 24.94 -12.65
CA ALA D 136 -7.45 25.34 -11.30
C ALA D 136 -6.51 24.35 -10.62
N LEU D 137 -6.77 23.06 -10.81
CA LEU D 137 -5.90 22.05 -10.21
C LEU D 137 -5.11 21.36 -11.30
N ARG D 138 -3.81 21.63 -11.30
CA ARG D 138 -2.90 21.29 -12.41
C ARG D 138 -1.89 20.26 -11.93
N VAL D 139 -2.17 19.00 -12.22
CA VAL D 139 -1.42 17.91 -11.61
C VAL D 139 -0.47 17.29 -12.59
N CYS D 140 0.76 17.09 -12.16
CA CYS D 140 1.71 16.22 -12.89
C CYS D 140 1.97 15.00 -12.03
N VAL D 141 2.03 13.82 -12.66
CA VAL D 141 2.36 12.62 -11.88
C VAL D 141 3.81 12.65 -11.43
N ALA D 142 4.14 11.88 -10.38
CA ALA D 142 5.48 11.92 -9.76
C ALA D 142 6.63 11.80 -10.74
N ASP D 143 6.49 10.86 -11.67
CA ASP D 143 7.51 10.56 -12.67
C ASP D 143 7.14 11.11 -14.05
N GLY D 144 6.37 12.17 -14.05
CA GLY D 144 6.07 12.89 -15.29
C GLY D 144 7.28 13.64 -15.82
N HIS D 145 7.14 14.17 -17.02
CA HIS D 145 8.25 14.94 -17.59
C HIS D 145 8.64 16.11 -16.69
N PRO D 146 9.95 16.34 -16.46
CA PRO D 146 10.30 17.36 -15.47
C PRO D 146 9.84 18.77 -15.79
N LEU D 147 9.72 19.10 -17.09
CA LEU D 147 9.18 20.41 -17.48
C LEU D 147 7.72 20.60 -17.10
N LEU D 148 6.91 19.54 -17.24
CA LEU D 148 5.53 19.60 -16.75
C LEU D 148 5.53 19.65 -15.20
N ALA D 149 6.37 18.83 -14.56
CA ALA D 149 6.40 18.83 -13.07
C ALA D 149 6.68 20.23 -12.51
N GLN D 150 7.53 21.00 -13.17
CA GLN D 150 7.88 22.29 -12.58
C GLN D 150 6.78 23.34 -12.78
N ARG D 151 5.80 23.04 -13.65
CA ARG D 151 4.65 23.91 -13.92
C ARG D 151 3.35 23.56 -13.19
N ALA D 152 3.29 22.37 -12.64
CA ALA D 152 2.12 21.87 -11.95
C ALA D 152 1.98 22.53 -10.58
N ASN D 153 0.75 22.68 -10.11
CA ASN D 153 0.52 23.10 -8.73
C ASN D 153 0.30 21.96 -7.76
N TYR D 154 0.26 20.73 -8.29
CA TYR D 154 0.38 19.55 -7.43
C TYR D 154 1.09 18.48 -8.22
N VAL D 155 2.15 17.94 -7.62
CA VAL D 155 2.95 16.84 -8.17
C VAL D 155 2.67 15.65 -7.28
N THR D 156 2.20 14.56 -7.87
CA THR D 156 1.78 13.41 -7.05
C THR D 156 3.00 12.75 -6.46
N HIS D 157 2.78 12.06 -5.35
CA HIS D 157 3.81 11.25 -4.77
C HIS D 157 3.89 9.88 -5.43
N ILE D 158 2.73 9.32 -5.79
CA ILE D 158 2.65 8.00 -6.44
C ILE D 158 2.96 8.13 -7.93
N LYS D 159 3.71 7.17 -8.47
CA LYS D 159 4.02 7.19 -9.89
C LYS D 159 2.82 6.95 -10.79
N GLY D 160 2.93 7.46 -12.02
CA GLY D 160 1.98 7.18 -13.11
C GLY D 160 1.69 5.70 -13.28
N GLY D 161 0.40 5.33 -13.34
CA GLY D 161 -0.01 3.95 -13.52
C GLY D 161 0.03 3.09 -12.27
N HIS D 162 0.33 3.70 -11.11
CA HIS D 162 0.50 2.95 -9.87
C HIS D 162 -0.31 3.52 -8.71
N GLY D 163 -1.28 4.39 -9.01
CA GLY D 163 -2.03 5.07 -7.96
C GLY D 163 -1.95 6.58 -7.95
N ALA D 164 -1.33 7.18 -8.97
CA ALA D 164 -1.28 8.65 -9.08
C ALA D 164 -2.68 9.23 -9.23
N VAL D 165 -3.50 8.59 -10.06
CA VAL D 165 -4.90 9.04 -10.23
C VAL D 165 -5.68 8.91 -8.91
N ARG D 166 -5.53 7.76 -8.27
CA ARG D 166 -6.17 7.59 -6.96
C ARG D 166 -5.74 8.68 -5.97
N GLU D 167 -4.45 9.04 -6.00
CA GLU D 167 -3.96 10.05 -5.06
C GLU D 167 -4.69 11.39 -5.22
N VAL D 168 -4.95 11.78 -6.47
CA VAL D 168 -5.67 13.02 -6.76
C VAL D 168 -7.15 12.87 -6.38
N CYS D 169 -7.74 11.71 -6.67
CA CYS D 169 -9.11 11.45 -6.19
C CYS D 169 -9.15 11.63 -4.67
N ASP D 170 -8.13 11.12 -3.98
CA ASP D 170 -8.09 11.22 -2.52
C ASP D 170 -7.91 12.65 -2.01
N LEU D 171 -7.14 13.46 -2.74
CA LEU D 171 -6.98 14.86 -2.38
C LEU D 171 -8.33 15.59 -2.38
N ILE D 172 -9.12 15.36 -3.44
CA ILE D 172 -10.46 15.95 -3.55
C ILE D 172 -11.40 15.37 -2.49
N LEU D 173 -11.42 14.05 -2.37
CA LEU D 173 -12.29 13.41 -1.38
C LEU D 173 -11.92 13.82 0.04
N GLN D 174 -10.63 13.89 0.34
CA GLN D 174 -10.23 14.39 1.69
C GLN D 174 -10.71 15.82 1.90
N ALA D 175 -10.50 16.68 0.92
CA ALA D 175 -10.95 18.08 1.03
C ALA D 175 -12.45 18.19 1.31
N ARG D 176 -13.21 17.19 0.87
CA ARG D 176 -14.68 17.15 1.07
C ARG D 176 -15.15 16.32 2.29
N ASN D 177 -14.22 15.81 3.11
CA ASN D 177 -14.50 14.81 4.15
C ASN D 177 -15.29 13.57 3.67
N GLU D 178 -14.85 13.01 2.56
CA GLU D 178 -15.50 11.87 1.92
C GLU D 178 -14.49 10.78 1.47
N LEU D 179 -13.42 10.59 2.24
CA LEU D 179 -12.38 9.61 1.85
C LEU D 179 -12.85 8.16 1.78
N ASP D 180 -13.80 7.80 2.64
CA ASP D 180 -14.27 6.43 2.76
C ASP D 180 -15.78 6.41 2.95
N VAL D 181 -16.51 6.84 1.91
CA VAL D 181 -17.98 6.74 1.92
C VAL D 181 -18.40 5.50 1.14
MG MG E . -10.07 26.00 28.46
MG MG F . -7.27 -5.08 -4.11
MG MG G . 12.93 -19.48 -7.52
MG MG H . 0.44 10.94 -21.28
#